data_9PQY
#
_entry.id   9PQY
#
_cell.length_a   1.00
_cell.length_b   1.00
_cell.length_c   1.00
_cell.angle_alpha   90.00
_cell.angle_beta   90.00
_cell.angle_gamma   90.00
#
_symmetry.space_group_name_H-M   'P 1'
#
loop_
_entity.id
_entity.type
_entity.pdbx_description
1 polymer '3-oxoacyl-ACP synthase'
2 polymer 'Fatty acid synthase'
#
loop_
_entity_poly.entity_id
_entity_poly.type
_entity_poly.pdbx_seq_one_letter_code
_entity_poly.pdbx_strand_id
1 'polypeptide(L)'
;MTIHEHDRVSADRGGDSPHTTHALVDRLMAGEPYAVAFGGQGSAWLETLEELVSATGIETELATLVGEAELLLDPVTDEL
IVVRPIGFEPLQWVRALAAEDPVPSDKHLTSAAVSVPGVLLTQIAATRALARQGMDLVATPPVAMAGHSQGVLAVEALKA
GGARDVELFALAQLIGAAGTLVARRRGISVLGDRPPMVSVTNADPERIGRLLDEFAQDVRTVLPPVLSIRNGRRAVVITG
TPEQLSRFELYCRQISEKEEADRKNKVRGGDVFSPVFEPVQVEVGFHTPRLSDGIDIVAGWAEKAGLDVALARELADAIL
IRKVDWVDEITRVHAAGARWILDLGPGDILTRLTAPVIRGLGIGIVPAATRGGQRNLFTVGATPEVARAWSSYAPTVVRL
PDGRVKLSTKFTRLTGRSPILLAGMTPTTVDAKIVAAAANAGHWAELAGGGQVTEEIFGNRIEQMAGLLEPGRTYQFNAL
FLDPYLWKLQVGGKRLVQKARQSGAAIDGVVISAGIPDLDEAVELIDELGDIGISHVVFKPGTIEQIRSVIRIATEVPTK
PVIMHVEGGRAGGHHSWEDLDDLLLATYSELRSRANITVCVGGGIGTPRRAAEYLSGRWAQAYGFPLMPIDGILVGTAAM
ATKESTTSPSVKRMLVDTQGTDQWISAGKAQGGMASSRSQLGADIHEIDNSASRCGRLLDEVAGDAEAVAERRDEIIAAM
AKTAKPYFGDVADMTYLQWLRRYVELAIGEGNSTADTASVGSPWLADTWRDRFEQMLQRAEARLHPQDFGPIQTLFTDAG
LLDNPQQAIAALLARYPDAETVQLHPADVPFFVTLCKTLGKPVNFVPVIDQDVRRWWRSDSLWQAHDARYDADAVCIIPG
TASVAGITRMDEPVGELLDRFEQAAIDEVLGAGVEPKDVASRRLGRADVAGPLAVVLDAPDVRWAGRTVTNPVHRIADPA
EWQVHDGPENPRATHSSTGARLQTHGDDVALSVPVSGTWVDIRFTLPANTVDGGTPVIATEDATSAMRTVLAIAAGVDSP
EFLPAVANGTATLTVDWHPERVADHTGVTATFGEPLAPSLTNVPDALVGPCWPAVFAAIGSAVTDTGEPVVEGLLSLVHL
DHAARVVGQLPTVPAQLTVTATAANATDTDMGRVVPVSVVVTGADGAVIATLEERFAILGRTGSAELADPARAGGAVSAN
ATDTPRRRRRDVTITAPVDMRPFAVVSGDHNPIHTDRAAALLAGLESPIVHGMWLSAAAQHAVTATDGQARPPARLVGWT
ARFLGMVRPGDEVDFRVERVGIDQGAEIVDVAARVGSDLVMSASARLAAPKTVYAFPGQGIQHKGMGMEVRARSKAARKV
WDTADKFTRDTLGFSVLHVVRDNPTSIIASGVHYHHPDGVLYLTQFTQVAMATVAAAQVAEMREQGAFVEGAIACGHSVG
EYTALACVTGIYQLEALLEMVFHRGSKMHDIVPRDELGRSNYRLAAIRPSQIDLDDADVPAFVAGIAESTGEFLEIVNFN
LRGSQYAIAGTVRGLEALEAEVERRRELTGGRRSFILVPGIDVPFHSRVLRVGVAEFRRSLDRVMPRDADPDLIIGRYIP
NLVPRLFTLDRDFIQEIRDLVPAEPLDEILADYDTWLRERPREMARTVFIELLAWQFASPVRWIETQDLLFIEEAAGGLG
VERFVEIGVKSSPTVAGLATNTLKLPEYAHSTVEVLNAERDAAVLFATDTDPEPEPEEDEPVAESPAPDVVSEAAPVAPA
ASSAGPRPDDLVFDAADATLALIALSAKMRIDQIEELDSIESITDGASSRRNQLLVDLGSELNLGAIDGAAESDLAGLRS
QVTKLARTYKPYGPVLSDAINDQLRTVLGPSGKRPGAIAERVKKTWELGEGWAKHVTVEVALGTREGSSVRGGAMGHLHE
GALADAASVDKVIDAAVASVAARQGVSVALPSAGSGGGATIDAAALSEFTDQITGREGVLASAARLVLGQLGLDDPVNAL
PAAPDSELIDLVTAELGADWPRLVAPVFDPKKAVVFDDRWASAREDLVKLWLTDEGDIDADWPRLAERFEGAGHVVATQA
TWWQGKSLAAGRQIHASLYGRIAAGAENPEPGRYGGEVAVVTGASKGSIAASVVARLLDGGATVIATTSKLDEERLAFYR
TLYRDHARYGAALWLVAANMASYSDVDALVEWIGTEQTESLGPQSIHIKDAQTPTLLFPFAAPRVVGDLSEAGSRAEMEM
KVLLWAVQRLIGGLSTIGAERDIASRLHVVLPGSPNRGMFGGDGAYGEAKSALDAVVSRWHAESSWAARVSLAHALIGWT
RGTGLMGHNDAIVAAVEEAGVTTYSTDEMAALLLDLCDAESKVAAARSPIKADLTGGLAEANLDMAELAAKAREQMSAAA
AVDEDAEAPGAIAALPSPPRGFTPAPPPQWDDLDVDPADLVVIVGGAEIGPYGSSRTRFEMEVENELSAAGVLELAWTTG
LIRWEDDPQPGWYDTESGEMVDESELVQRYHDAVVQRVGIREFVDDGAIDPDHASPLLVSVFLEKDFAFVVSSEADARAF
VEFDPEHTVIRPVPDSTDWQVIRKAGTEIRVPRKTKLSRVVGGQIPTGFDPTVWGISADMAGSIDRLAVWNMVATVDAFL
SSGFSPAEVMRYVHPSLVANTQGTGMGGGTSMQTMYHGNLLGRNKPNDIFQEVLPNIIAAHVVQSYVGSYGAMIHPVAAC
ATAAVSVEEGVDKIRLGKAQLVVAGGLDDLTLEGIIGFGDMAATADTSMMCGRGIHDSKFSRPNDRRRLGFVEAQGGGTI
LLARGDLALRMGLPVLAVVAFAQSFGDGVHTSIPAPGLGALGAGRGGKDSPLARALAKLGVAADDVAVISKHDTSTLAND
PNETELHERLADALGRSEGAPLFVVSQKSLTGHAKGGAAVFQMMGLCQILRDGVIPPNRSLDCVDDELAGSAHFVWVRDT
LRLGGKFPLKAGMLTSLGFGHVSGLVALVHPQAFIASLDPAQRADYQRRADARLLAGQRRLASAIAGGAPMYQRPGDRRF
DHHAPERPQEASMLLNPAARLGDGEAYIG
;
A
2 'polypeptide(L)'
;MTIHEHDRVSADRGGDSPHTTHALVDRLMAGEPYAVAFGGQGSAWLETLEELVSATGIETELATLVGEAELLLDPVTDEL
IVVRPIGFEPLQWVRALAAEDPVPSDKHLTSAAVSVPGVLLTQIAATRALARQGMDLVATPPVAMAGHSQGVLAVEALKA
GGARDVELFALAQLIGAAGTLVARRRGISVLGDRPPMVSVTNADPERIGRLLDEFAQDVRTVLPPVLSIRNGRRAVVITG
TPEQLSRFELYCRQISEKEEADRKNKVRGGDVFSPVFEPVQVEVGFHTPRLSDGIDIVAGWAEKAGLDVALARELADAIL
IRKVDWVDEITRVHAAGARWILDLGPGDILTRLTAPVIRGLGIGIVPAATRGGQRNLFTVGATPEVARAWSSYAPTVVRL
PDGRVKLSTKFTRLTGRSPILLAGMTPTTVDAKIVAAAANAGHWAELAGGGQVTEEIFGNRIEQMAGLLEPGRTYQFNAL
FLDPYLWKLQVGGKRLVQKARQSGAAIDGVVISAGIPDLDEAVELIDELGDIGISHVVFKPGTIEQIRSVIRIATEVPTK
PVIMHVEGGRAGGHHSWEDLDDLLLATYSELRSRANITVCVGGGIGTPRRAAEYLSGRWAQAYGFPLMPIDGILVGTAAM
ATKESTTSPSVKRMLVDTQGTDQWISAGKAQGGMASSRSQLGADIHEIDNSASRCGRLLDEVAGDAEAVAERRDEIIAAM
AKTAKPYFGDVADMTYLQWLRRYVELAIGEGNSTADTASVGSPWLADTWRDRFEQMLQRAEARLHPQDFGPIQTLFTDAG
LLDNPQQAIAALLARYPDAETVQLHPADVPFFVTLCKTLGKPVNFVPVIDQDVRRWWRSDSLWQAHDARYDADAVCIIPG
TASVAGITRMDEPVGELLDRFEQAAIDEVLGAGVEPKDVASRRLGRADVAGPLAVVLDAPDVRWAGRTVTNPVHRIADPA
EWQVHDGPENPRATHSSTGARLQTHGDDVALSVPVSGTWVDIRFTLPANTVDGGTPVIATEDATSAMRTVLAIAAGVDSP
EFLPAVANGTATLTVDWHPERVADHTGVTATFGEPLAPSLTNVPDALVGPCWPAVFAAIGSAVTDTGEPVVEGLLSLVHL
DHAARVVGQLPTVPAQLTVTATAANATDTDMGRVVPVSVVVTGADGAVIATLEERFAILGRTGSAELADPARAGGAVSAN
ATDTPRRRRRDVTITAPVDMRPFAVVSGDHNPIHTDRAAALLAGLESPIVHGMWLSAAAQHAVTATDGQARPPARLVGWT
ARFLGMVRPGDEVDFRVERVGIDQGAEIVDVAARVGSDLVMSASARLAAPKTVYAFPGQGIQHKGMGMEVRARSKAARKV
WDTADKFTRDTLGFSVLHVVRDNPTSIIASGVHYHHPDGVLYLTQFTQVAMATVAAAQVAEMREQGAFVEGAIACGHSVG
EYTALACVTGIYQLEALLEMVFHRGSKMHDIVPRDELGRSNYRLAAIRPSQIDLDDADVPAFVAGIAESTGEFLEIVNFN
LRGSQYAIAGTVRGLEALEAEVERRRELTGGRRSFILVPGIDVPFHSRVLRVGVAEFRRSLDRVMPRDADPDLIIGRYIP
NLVPRLFTLDRDFIQEIRDLVPAEPLDEILADYDTWLRERPREMARTVFIELLAWQFASPVRWIETQDLLFIEEAAGGLG
VERFVEIGVKSSPTVAGLATNTLKLPEYAHSTVEVLNAERDAAVLFATDTDPEPEPEEDEPVAESPAPDVVSEAAPVAPA
ASSAGPRPDDLVFDAADATLALIALSAKMRIDQIEELDSIESITDGA(A1CJI)SRRNQLLVDLGSELNLGAIDGAAESD
LAGLRSQVTKLARTYKPYGPVLSDAINDQLRTVLGPSGKRPGAIAERVKKTWELGEGWAKHVTVEVALGTREGSSVRGGA
MGHLHEGALADAASVDKVIDAAVASVAARQGVSVALPSAGSGGGATIDAAALSEFTDQITGREGVLASAARLVLGQLGLD
DPVNALPAAPDSELIDLVTAELGADWPRLVAPVFDPKKAVVFDDRWASAREDLVKLWLTDEGDIDADWPRLAERFEGAGH
VVATQATWWQGKSLAAGRQIHASLYGRIAAGAENPEPGRYGGEVAVVTGASKGSIAASVVARLLDGGATVIATTSKLDEE
RLAFYRTLYRDHARYGAALWLVAANMASYSDVDALVEWIGTEQTESLGPQSIHIKDAQTPTLLFPFAAPRVVGDLSEAGS
RAEMEMKVLLWAVQRLIGGLSTIGAERDIASRLHVVLPGSPNRGMFGGDGAYGEAKSALDAVVSRWHAESSWAARVSLAH
ALIGWTRGTGLMGHNDAIVAAVEEAGVTTYSTDEMAALLLDLCDAESKVAAARSPIKADLTGGLAEANLDMAELAAKARE
QMSAAAAVDEDAEAPGAIAALPSPPRGFTPAPPPQWDDLDVDPADLVVIVGGAEIGPYGSSRTRFEMEVENELSAAGVLE
LAWTTGLIRWEDDPQPGWYDTESGEMVDESELVQRYHDAVVQRVGIREFVDDGAIDPDHASPLLVSVFLEKDFAFVVSSE
ADARAFVEFDPEHTVIRPVPDSTDWQVIRKAGTEIRVPRKTKLSRVVGGQIPTGFDPTVWGISADMAGSIDRLAVWNMVA
TVDAFLSSGFSPAEVMRYVHPSLVANTQGTGMGGGTSMQTMYHGNLLGRNKPNDIFQEVLPNIIAAHVVQSYVGSYGAMI
HPVAACATAAVSVEEGVDKIRLGKAQLVVAGGLDDLTLEGIIGFGDMAATADTSMMCGRGIHDSKFSRPNDRRRLGFVEA
QGGGTILLARGDLALRMGLPVLAVVAFAQSFGDGVHTSIPAPGLGALGAGRGGKDSPLARALAKLGVAADDVAVISKHDT
STLANDPNETELHERLADALGRSEGAPLFVVSQKSLTGHAKGGAAVFQMMGLCQILRDGVIPPNRSLDCVDDELAGSAHF
VWVRDTLRLGGKFPLKAGMLTSLGFGHVSGLVALVHPQAFIASLDPAQRADYQRRADARLLAGQRRLASAIAGGAPMYQR
PGDRRFDHHAPERPQEASMLLNPAARLGDGEAYIG
;
B
#
# COMPACT_ATOMS: atom_id res chain seq x y z
N PRO A 1330 15.08 2.25 -21.77
CA PRO A 1330 15.02 1.20 -20.75
C PRO A 1330 13.66 0.50 -20.72
N LYS A 1331 13.66 -0.82 -20.82
CA LYS A 1331 12.41 -1.57 -20.77
C LYS A 1331 11.86 -1.53 -19.35
N THR A 1332 10.67 -0.95 -19.19
CA THR A 1332 10.08 -0.73 -17.88
C THR A 1332 8.75 -1.45 -17.77
N VAL A 1333 8.22 -1.45 -16.55
CA VAL A 1333 6.91 -2.02 -16.24
C VAL A 1333 6.17 -1.05 -15.35
N TYR A 1334 4.88 -0.88 -15.60
CA TYR A 1334 4.02 -0.02 -14.81
C TYR A 1334 3.03 -0.88 -14.05
N ALA A 1335 3.08 -0.81 -12.72
CA ALA A 1335 2.21 -1.59 -11.85
C ALA A 1335 1.26 -0.63 -11.13
N PHE A 1336 -0.03 -0.91 -11.22
CA PHE A 1336 -1.03 -0.04 -10.62
C PHE A 1336 -1.61 -0.73 -9.40
N PRO A 1337 -1.56 -0.12 -8.20
CA PRO A 1337 -1.95 -0.86 -6.99
C PRO A 1337 -3.42 -1.20 -6.96
N GLY A 1338 -3.84 -1.94 -5.93
CA GLY A 1338 -5.23 -2.31 -5.76
C GLY A 1338 -5.89 -1.55 -4.63
N GLN A 1339 -6.77 -2.22 -3.88
CA GLN A 1339 -7.46 -1.56 -2.77
C GLN A 1339 -6.47 -1.27 -1.65
N GLY A 1340 -6.99 -0.64 -0.59
CA GLY A 1340 -6.19 -0.39 0.60
C GLY A 1340 -5.20 0.74 0.47
N ILE A 1341 -5.27 1.52 -0.61
CA ILE A 1341 -4.34 2.62 -0.83
C ILE A 1341 -4.99 3.98 -0.62
N GLN A 1342 -6.31 4.04 -0.55
CA GLN A 1342 -6.99 5.33 -0.53
C GLN A 1342 -6.71 6.08 0.77
N HIS A 1343 -6.78 7.40 0.68
CA HIS A 1343 -6.66 8.28 1.83
C HIS A 1343 -7.05 9.68 1.40
N LYS A 1344 -7.62 10.44 2.33
CA LYS A 1344 -8.14 11.77 2.00
C LYS A 1344 -7.04 12.62 1.38
N GLY A 1345 -7.37 13.27 0.27
CA GLY A 1345 -6.41 14.09 -0.44
C GLY A 1345 -5.41 13.26 -1.23
N MET A 1346 -5.90 12.47 -2.18
CA MET A 1346 -5.02 11.63 -2.98
C MET A 1346 -4.21 12.47 -3.95
N GLY A 1347 -3.01 12.86 -3.56
CA GLY A 1347 -2.13 13.54 -4.50
C GLY A 1347 -2.71 14.79 -5.10
N MET A 1348 -3.37 15.62 -4.29
CA MET A 1348 -3.78 16.94 -4.78
C MET A 1348 -2.56 17.77 -5.15
N GLU A 1349 -1.42 17.50 -4.52
CA GLU A 1349 -0.19 18.18 -4.91
C GLU A 1349 0.14 17.91 -6.38
N VAL A 1350 -0.17 16.71 -6.86
CA VAL A 1350 0.02 16.44 -8.28
C VAL A 1350 -0.89 17.32 -9.11
N ARG A 1351 -2.15 17.47 -8.67
CA ARG A 1351 -3.08 18.32 -9.41
C ARG A 1351 -2.59 19.76 -9.46
N ALA A 1352 -1.99 20.24 -8.37
CA ALA A 1352 -1.51 21.62 -8.34
C ALA A 1352 -0.22 21.79 -9.13
N ARG A 1353 0.63 20.78 -9.15
CA ARG A 1353 1.94 20.92 -9.78
C ARG A 1353 1.82 21.03 -11.29
N SER A 1354 1.30 20.00 -11.94
CA SER A 1354 1.25 19.96 -13.38
C SER A 1354 0.09 20.80 -13.92
N LYS A 1355 0.08 20.95 -15.23
CA LYS A 1355 -1.07 21.51 -15.94
C LYS A 1355 -1.87 20.45 -16.67
N ALA A 1356 -1.23 19.34 -17.06
CA ALA A 1356 -1.97 18.23 -17.66
C ALA A 1356 -2.75 17.47 -16.61
N ALA A 1357 -2.17 17.27 -15.43
CA ALA A 1357 -2.89 16.61 -14.35
C ALA A 1357 -4.15 17.39 -14.00
N ARG A 1358 -4.05 18.72 -13.95
CA ARG A 1358 -5.22 19.53 -13.69
C ARG A 1358 -6.28 19.33 -14.77
N LYS A 1359 -5.85 19.28 -16.03
CA LYS A 1359 -6.81 19.10 -17.12
C LYS A 1359 -7.53 17.76 -17.01
N VAL A 1360 -6.80 16.69 -16.74
CA VAL A 1360 -7.43 15.38 -16.67
C VAL A 1360 -8.33 15.29 -15.44
N TRP A 1361 -7.92 15.89 -14.33
CA TRP A 1361 -8.80 15.94 -13.17
C TRP A 1361 -10.09 16.67 -13.50
N ASP A 1362 -9.99 17.80 -14.20
CA ASP A 1362 -11.18 18.56 -14.55
C ASP A 1362 -12.10 17.75 -15.45
N THR A 1363 -11.54 17.11 -16.47
CA THR A 1363 -12.37 16.31 -17.37
C THR A 1363 -13.04 15.18 -16.60
N ALA A 1364 -12.29 14.47 -15.76
CA ALA A 1364 -12.84 13.35 -15.03
C ALA A 1364 -13.97 13.78 -14.11
N ASP A 1365 -13.75 14.85 -13.35
CA ASP A 1365 -14.77 15.25 -12.39
C ASP A 1365 -15.99 15.82 -13.08
N LYS A 1366 -15.79 16.56 -14.19
CA LYS A 1366 -16.94 17.06 -14.94
C LYS A 1366 -17.77 15.89 -15.46
N PHE A 1367 -17.12 14.89 -16.07
CA PHE A 1367 -17.86 13.75 -16.58
C PHE A 1367 -18.59 13.02 -15.46
N THR A 1368 -17.91 12.81 -14.33
CA THR A 1368 -18.51 12.00 -13.27
C THR A 1368 -19.65 12.73 -12.58
N ARG A 1369 -19.57 14.06 -12.47
CA ARG A 1369 -20.70 14.80 -11.91
C ARG A 1369 -21.84 14.94 -12.90
N ASP A 1370 -21.54 14.93 -14.21
CA ASP A 1370 -22.61 14.98 -15.19
C ASP A 1370 -23.35 13.65 -15.24
N THR A 1371 -22.63 12.53 -15.24
CA THR A 1371 -23.23 11.22 -15.49
C THR A 1371 -23.55 10.48 -14.20
N LEU A 1372 -22.56 10.24 -13.34
CA LEU A 1372 -22.79 9.46 -12.14
C LEU A 1372 -23.67 10.22 -11.14
N GLY A 1373 -23.35 11.49 -10.89
CA GLY A 1373 -24.11 12.31 -9.97
C GLY A 1373 -23.35 12.85 -8.79
N PHE A 1374 -22.05 12.62 -8.69
CA PHE A 1374 -21.22 13.14 -7.60
C PHE A 1374 -19.96 13.74 -8.19
N SER A 1375 -19.22 14.46 -7.34
CA SER A 1375 -18.01 15.18 -7.76
C SER A 1375 -16.80 14.43 -7.20
N VAL A 1376 -16.19 13.58 -8.03
CA VAL A 1376 -15.04 12.82 -7.59
C VAL A 1376 -13.99 13.72 -6.97
N LEU A 1377 -13.86 14.95 -7.49
CA LEU A 1377 -12.93 15.89 -6.88
C LEU A 1377 -13.32 16.19 -5.45
N HIS A 1378 -14.62 16.35 -5.19
CA HIS A 1378 -15.06 16.58 -3.82
C HIS A 1378 -14.88 15.33 -2.97
N VAL A 1379 -15.07 14.15 -3.56
CA VAL A 1379 -14.93 12.90 -2.80
C VAL A 1379 -13.47 12.67 -2.41
N VAL A 1380 -12.53 13.17 -3.21
CA VAL A 1380 -11.11 12.95 -2.92
C VAL A 1380 -10.53 14.07 -2.07
N ARG A 1381 -10.69 15.33 -2.52
CA ARG A 1381 -10.12 16.44 -1.77
C ARG A 1381 -10.65 16.46 -0.35
N ASP A 1382 -11.97 16.42 -0.18
CA ASP A 1382 -12.59 16.16 1.09
C ASP A 1382 -13.01 14.70 1.16
N ASN A 1383 -13.42 14.27 2.34
CA ASN A 1383 -13.81 12.88 2.59
C ASN A 1383 -15.16 12.88 3.28
N PRO A 1384 -16.22 13.25 2.56
CA PRO A 1384 -17.52 13.42 3.21
C PRO A 1384 -18.01 12.12 3.83
N THR A 1385 -18.68 12.26 4.98
CA THR A 1385 -19.24 11.09 5.65
C THR A 1385 -20.34 10.45 4.82
N SER A 1386 -21.10 11.27 4.09
CA SER A 1386 -22.18 10.77 3.26
C SER A 1386 -22.35 11.68 2.05
N ILE A 1387 -22.77 11.09 0.93
CA ILE A 1387 -23.08 11.84 -0.28
C ILE A 1387 -24.38 11.30 -0.86
N ILE A 1388 -24.97 12.10 -1.75
CA ILE A 1388 -26.22 11.75 -2.41
C ILE A 1388 -25.94 11.68 -3.91
N ALA A 1389 -26.07 10.49 -4.47
CA ALA A 1389 -25.92 10.30 -5.91
C ALA A 1389 -27.23 10.71 -6.59
N SER A 1390 -27.35 10.39 -7.88
CA SER A 1390 -28.53 10.78 -8.66
C SER A 1390 -29.82 10.40 -7.94
N GLY A 1391 -30.02 9.10 -7.72
CA GLY A 1391 -31.24 8.63 -7.08
C GLY A 1391 -31.03 8.23 -5.63
N VAL A 1392 -29.97 7.48 -5.37
CA VAL A 1392 -29.71 6.92 -4.05
C VAL A 1392 -28.62 7.74 -3.38
N HIS A 1393 -28.41 7.47 -2.09
CA HIS A 1393 -27.37 8.14 -1.32
C HIS A 1393 -26.63 7.13 -0.46
N TYR A 1394 -25.34 7.38 -0.29
CA TYR A 1394 -24.45 6.47 0.43
C TYR A 1394 -23.82 7.18 1.63
N HIS A 1395 -23.43 6.38 2.61
CA HIS A 1395 -22.83 6.89 3.83
C HIS A 1395 -21.82 5.87 4.34
N HIS A 1396 -20.90 6.36 5.17
CA HIS A 1396 -19.87 5.52 5.76
C HIS A 1396 -19.28 6.25 6.97
N PRO A 1397 -19.10 5.57 8.11
CA PRO A 1397 -18.67 6.30 9.31
C PRO A 1397 -17.33 6.99 9.14
N ASP A 1398 -16.43 6.47 8.30
CA ASP A 1398 -15.11 7.03 8.12
C ASP A 1398 -14.90 7.58 6.72
N GLY A 1399 -15.95 8.16 6.13
CA GLY A 1399 -15.84 8.79 4.83
C GLY A 1399 -16.31 7.90 3.70
N VAL A 1400 -17.05 8.48 2.74
CA VAL A 1400 -17.51 7.72 1.60
C VAL A 1400 -16.36 7.22 0.75
N LEU A 1401 -15.17 7.80 0.92
CA LEU A 1401 -14.04 7.41 0.09
C LEU A 1401 -13.66 5.95 0.27
N TYR A 1402 -14.11 5.31 1.35
CA TYR A 1402 -13.73 3.93 1.63
C TYR A 1402 -14.71 2.91 1.08
N LEU A 1403 -15.81 3.34 0.45
CA LEU A 1403 -16.69 2.40 -0.21
C LEU A 1403 -16.06 1.95 -1.53
N THR A 1404 -16.52 0.81 -2.04
CA THR A 1404 -15.89 0.21 -3.21
C THR A 1404 -15.99 1.12 -4.42
N GLN A 1405 -17.20 1.61 -4.71
CA GLN A 1405 -17.38 2.40 -5.93
C GLN A 1405 -16.51 3.65 -5.91
N PHE A 1406 -16.58 4.41 -4.83
CA PHE A 1406 -15.91 5.71 -4.79
C PHE A 1406 -14.40 5.54 -4.68
N THR A 1407 -13.94 4.58 -3.88
CA THR A 1407 -12.50 4.33 -3.83
C THR A 1407 -11.99 3.90 -5.20
N GLN A 1408 -12.80 3.12 -5.94
CA GLN A 1408 -12.40 2.68 -7.27
C GLN A 1408 -12.25 3.86 -8.21
N VAL A 1409 -13.26 4.73 -8.27
CA VAL A 1409 -13.18 5.85 -9.20
C VAL A 1409 -12.05 6.79 -8.79
N ALA A 1410 -11.87 7.02 -7.49
CA ALA A 1410 -10.78 7.88 -7.04
C ALA A 1410 -9.43 7.30 -7.44
N MET A 1411 -9.24 5.99 -7.25
CA MET A 1411 -7.98 5.37 -7.63
C MET A 1411 -7.74 5.50 -9.12
N ALA A 1412 -8.75 5.24 -9.93
CA ALA A 1412 -8.59 5.35 -11.38
C ALA A 1412 -8.21 6.78 -11.77
N THR A 1413 -8.91 7.76 -11.21
CA THR A 1413 -8.63 9.15 -11.55
C THR A 1413 -7.22 9.54 -11.14
N VAL A 1414 -6.79 9.13 -9.95
CA VAL A 1414 -5.45 9.49 -9.48
C VAL A 1414 -4.40 8.85 -10.36
N ALA A 1415 -4.58 7.58 -10.72
CA ALA A 1415 -3.62 6.92 -11.58
C ALA A 1415 -3.54 7.61 -12.94
N ALA A 1416 -4.69 7.97 -13.51
CA ALA A 1416 -4.68 8.67 -14.79
C ALA A 1416 -3.97 10.01 -14.67
N ALA A 1417 -4.21 10.74 -13.59
CA ALA A 1417 -3.54 12.02 -13.39
C ALA A 1417 -2.03 11.83 -13.31
N GLN A 1418 -1.59 10.84 -12.54
CA GLN A 1418 -0.15 10.61 -12.40
C GLN A 1418 0.47 10.25 -13.74
N VAL A 1419 -0.17 9.37 -14.49
CA VAL A 1419 0.38 8.95 -15.78
C VAL A 1419 0.43 10.14 -16.75
N ALA A 1420 -0.62 10.95 -16.79
CA ALA A 1420 -0.61 12.11 -17.66
C ALA A 1420 0.51 13.07 -17.27
N GLU A 1421 0.70 13.29 -15.97
CA GLU A 1421 1.76 14.18 -15.52
C GLU A 1421 3.12 13.64 -15.93
N MET A 1422 3.33 12.33 -15.78
CA MET A 1422 4.59 11.74 -16.20
C MET A 1422 4.81 11.89 -17.69
N ARG A 1423 3.74 11.69 -18.48
CA ARG A 1423 3.89 11.70 -19.93
C ARG A 1423 4.14 13.11 -20.47
N GLU A 1424 3.48 14.11 -19.89
CA GLU A 1424 3.71 15.47 -20.35
C GLU A 1424 5.10 15.97 -19.99
N GLN A 1425 5.70 15.43 -18.94
CA GLN A 1425 7.05 15.82 -18.55
C GLN A 1425 8.13 15.10 -19.35
N GLY A 1426 7.76 14.15 -20.20
CA GLY A 1426 8.70 13.46 -21.05
C GLY A 1426 9.37 12.25 -20.44
N ALA A 1427 9.10 11.93 -19.19
CA ALA A 1427 9.75 10.83 -18.49
C ALA A 1427 8.89 9.58 -18.45
N PHE A 1428 8.12 9.32 -19.50
CA PHE A 1428 7.25 8.15 -19.58
C PHE A 1428 7.60 7.35 -20.82
N VAL A 1429 8.28 6.23 -20.62
CA VAL A 1429 8.61 5.36 -21.75
C VAL A 1429 7.33 4.97 -22.48
N GLU A 1430 7.45 4.69 -23.77
CA GLU A 1430 6.29 4.47 -24.62
C GLU A 1430 5.88 3.01 -24.70
N GLY A 1431 6.83 2.11 -24.95
CA GLY A 1431 6.51 0.71 -25.16
C GLY A 1431 6.53 -0.12 -23.90
N ALA A 1432 6.19 0.49 -22.77
CA ALA A 1432 6.20 -0.23 -21.50
C ALA A 1432 5.08 -1.26 -21.47
N ILE A 1433 5.30 -2.31 -20.70
CA ILE A 1433 4.33 -3.39 -20.54
C ILE A 1433 3.45 -3.10 -19.33
N ALA A 1434 2.14 -3.29 -19.50
CA ALA A 1434 1.15 -2.89 -18.52
C ALA A 1434 0.81 -4.08 -17.61
N CYS A 1435 0.84 -3.84 -16.30
CA CYS A 1435 0.40 -4.83 -15.33
C CYS A 1435 -0.19 -4.10 -14.14
N GLY A 1436 -1.00 -4.82 -13.38
CA GLY A 1436 -1.63 -4.23 -12.21
C GLY A 1436 -2.06 -5.29 -11.23
N HIS A 1437 -2.46 -4.85 -10.05
CA HIS A 1437 -2.99 -5.75 -9.04
C HIS A 1437 -4.44 -6.05 -9.40
N SER A 1438 -5.18 -6.66 -8.47
CA SER A 1438 -6.46 -7.27 -8.81
C SER A 1438 -7.38 -6.29 -9.53
N VAL A 1439 -7.43 -5.06 -9.05
CA VAL A 1439 -8.31 -4.05 -9.63
C VAL A 1439 -7.55 -3.00 -10.42
N GLY A 1440 -6.28 -2.75 -10.12
CA GLY A 1440 -5.51 -1.79 -10.88
C GLY A 1440 -5.37 -2.15 -12.34
N GLU A 1441 -5.58 -3.42 -12.68
CA GLU A 1441 -5.42 -3.86 -14.06
C GLU A 1441 -6.21 -2.99 -15.02
N TYR A 1442 -7.47 -2.71 -14.69
CA TYR A 1442 -8.30 -1.89 -15.57
C TYR A 1442 -7.72 -0.49 -15.72
N THR A 1443 -7.30 0.12 -14.61
CA THR A 1443 -6.69 1.44 -14.69
C THR A 1443 -5.40 1.40 -15.50
N ALA A 1444 -4.59 0.36 -15.32
CA ALA A 1444 -3.36 0.26 -16.09
C ALA A 1444 -3.66 0.19 -17.58
N LEU A 1445 -4.66 -0.62 -17.96
CA LEU A 1445 -5.05 -0.69 -19.36
C LEU A 1445 -5.49 0.68 -19.87
N ALA A 1446 -6.31 1.38 -19.10
CA ALA A 1446 -6.80 2.68 -19.54
C ALA A 1446 -5.66 3.70 -19.63
N CYS A 1447 -4.61 3.52 -18.85
CA CYS A 1447 -3.59 4.54 -18.70
C CYS A 1447 -2.42 4.36 -19.67
N VAL A 1448 -1.74 3.21 -19.60
CA VAL A 1448 -0.50 3.03 -20.33
C VAL A 1448 -0.69 2.37 -21.69
N THR A 1449 -1.91 2.04 -22.08
CA THR A 1449 -2.18 1.48 -23.39
C THR A 1449 -3.24 2.24 -24.16
N GLY A 1450 -4.25 2.79 -23.50
CA GLY A 1450 -5.26 3.54 -24.19
C GLY A 1450 -6.22 2.72 -25.02
N ILE A 1451 -6.36 1.43 -24.70
CA ILE A 1451 -7.27 0.58 -25.46
C ILE A 1451 -8.70 1.10 -25.34
N TYR A 1452 -9.06 1.59 -24.15
CA TYR A 1452 -10.32 2.28 -23.94
C TYR A 1452 -10.07 3.54 -23.12
N GLN A 1453 -10.93 4.53 -23.31
CA GLN A 1453 -10.75 5.83 -22.68
C GLN A 1453 -11.16 5.79 -21.22
N LEU A 1454 -10.77 6.83 -20.49
CA LEU A 1454 -11.02 6.87 -19.05
C LEU A 1454 -12.51 6.97 -18.74
N GLU A 1455 -13.31 7.56 -19.64
CA GLU A 1455 -14.71 7.77 -19.34
C GLU A 1455 -15.45 6.45 -19.21
N ALA A 1456 -15.29 5.56 -20.20
CA ALA A 1456 -15.93 4.26 -20.12
C ALA A 1456 -15.42 3.47 -18.93
N LEU A 1457 -14.12 3.60 -18.64
CA LEU A 1457 -13.57 2.92 -17.47
C LEU A 1457 -14.28 3.37 -16.21
N LEU A 1458 -14.41 4.67 -16.01
CA LEU A 1458 -15.06 5.17 -14.80
C LEU A 1458 -16.50 4.69 -14.72
N GLU A 1459 -17.23 4.78 -15.83
CA GLU A 1459 -18.64 4.40 -15.80
C GLU A 1459 -18.80 2.93 -15.46
N MET A 1460 -18.11 2.06 -16.19
CA MET A 1460 -18.24 0.63 -15.95
C MET A 1460 -17.76 0.27 -14.55
N VAL A 1461 -16.67 0.89 -14.09
CA VAL A 1461 -16.15 0.58 -12.77
C VAL A 1461 -17.15 0.95 -11.70
N PHE A 1462 -17.75 2.13 -11.79
CA PHE A 1462 -18.73 2.53 -10.79
C PHE A 1462 -19.92 1.58 -10.79
N HIS A 1463 -20.43 1.25 -11.97
CA HIS A 1463 -21.59 0.37 -12.02
C HIS A 1463 -21.28 -1.00 -11.45
N ARG A 1464 -20.14 -1.58 -11.84
CA ARG A 1464 -19.78 -2.90 -11.35
C ARG A 1464 -19.53 -2.89 -9.85
N GLY A 1465 -18.87 -1.85 -9.34
CA GLY A 1465 -18.65 -1.76 -7.92
C GLY A 1465 -19.95 -1.68 -7.15
N SER A 1466 -20.91 -0.89 -7.66
CA SER A 1466 -22.21 -0.82 -7.00
C SER A 1466 -22.89 -2.19 -7.02
N LYS A 1467 -22.81 -2.91 -8.13
CA LYS A 1467 -23.46 -4.22 -8.20
C LYS A 1467 -22.78 -5.23 -7.28
N MET A 1468 -21.48 -5.07 -7.04
CA MET A 1468 -20.72 -6.10 -6.33
C MET A 1468 -21.20 -6.25 -4.89
N HIS A 1469 -21.48 -5.14 -4.21
CA HIS A 1469 -21.74 -5.20 -2.78
C HIS A 1469 -22.90 -6.13 -2.43
N ASP A 1470 -23.84 -6.33 -3.37
CA ASP A 1470 -25.03 -7.13 -3.12
C ASP A 1470 -25.00 -8.46 -3.86
N ILE A 1471 -23.79 -8.95 -4.18
CA ILE A 1471 -23.66 -10.21 -4.90
C ILE A 1471 -23.54 -11.41 -3.97
N VAL A 1472 -23.65 -11.21 -2.66
CA VAL A 1472 -23.50 -12.29 -1.70
C VAL A 1472 -24.62 -12.19 -0.67
N PRO A 1473 -25.39 -13.25 -0.41
CA PRO A 1473 -26.43 -13.16 0.61
C PRO A 1473 -25.83 -12.80 1.97
N ARG A 1474 -26.54 -11.95 2.71
CA ARG A 1474 -26.03 -11.42 3.96
C ARG A 1474 -27.18 -11.18 4.92
N ASP A 1475 -26.84 -11.07 6.20
CA ASP A 1475 -27.82 -10.78 7.23
C ASP A 1475 -28.37 -9.37 7.07
N GLU A 1476 -29.60 -9.18 7.53
CA GLU A 1476 -30.22 -7.86 7.46
C GLU A 1476 -29.40 -6.80 8.18
N LEU A 1477 -28.60 -7.21 9.17
CA LEU A 1477 -27.73 -6.27 9.87
C LEU A 1477 -26.57 -5.79 9.00
N GLY A 1478 -26.37 -6.40 7.82
CA GLY A 1478 -25.31 -6.02 6.93
C GLY A 1478 -24.11 -6.95 6.95
N ARG A 1479 -23.96 -7.74 8.01
CA ARG A 1479 -22.86 -8.69 8.07
C ARG A 1479 -23.03 -9.78 7.02
N SER A 1480 -21.91 -10.22 6.46
CA SER A 1480 -21.89 -11.25 5.45
C SER A 1480 -21.35 -12.55 6.05
N ASN A 1481 -21.28 -13.58 5.22
CA ASN A 1481 -20.77 -14.89 5.63
C ASN A 1481 -19.41 -15.19 5.02
N TYR A 1482 -18.63 -14.16 4.70
CA TYR A 1482 -17.32 -14.36 4.10
C TYR A 1482 -16.36 -13.29 4.58
N ARG A 1483 -15.14 -13.71 4.92
CA ARG A 1483 -14.07 -12.80 5.29
C ARG A 1483 -12.77 -13.32 4.68
N LEU A 1484 -11.81 -12.42 4.53
CA LEU A 1484 -10.49 -12.78 4.02
C LEU A 1484 -9.41 -12.21 4.93
N ALA A 1485 -8.37 -12.99 5.15
CA ALA A 1485 -7.26 -12.62 6.03
C ALA A 1485 -5.95 -13.00 5.38
N ALA A 1486 -4.89 -12.30 5.77
CA ALA A 1486 -3.56 -12.51 5.23
C ALA A 1486 -2.74 -13.36 6.19
N ILE A 1487 -2.09 -14.39 5.66
CA ILE A 1487 -1.22 -15.26 6.43
C ILE A 1487 0.20 -15.09 5.94
N ARG A 1488 1.15 -15.42 6.81
CA ARG A 1488 2.58 -15.26 6.55
C ARG A 1488 3.24 -16.59 6.87
N PRO A 1489 3.15 -17.58 5.97
CA PRO A 1489 3.61 -18.93 6.30
C PRO A 1489 5.11 -19.08 6.44
N SER A 1490 5.88 -17.99 6.30
CA SER A 1490 7.33 -18.11 6.42
C SER A 1490 7.74 -18.54 7.82
N GLN A 1491 7.10 -17.97 8.85
CA GLN A 1491 7.47 -18.30 10.23
C GLN A 1491 6.76 -19.53 10.76
N ILE A 1492 5.79 -20.07 10.02
CA ILE A 1492 5.20 -21.35 10.40
C ILE A 1492 6.11 -22.52 10.04
N ASP A 1493 7.16 -22.27 9.27
CA ASP A 1493 8.08 -23.22 8.64
C ASP A 1493 7.48 -23.78 7.36
N LEU A 1494 6.24 -23.44 7.02
CA LEU A 1494 5.63 -23.92 5.80
C LEU A 1494 6.32 -23.30 4.59
N ASP A 1495 6.43 -24.06 3.52
CA ASP A 1495 7.06 -23.62 2.29
C ASP A 1495 6.02 -23.25 1.25
N ASP A 1496 6.47 -22.58 0.19
CA ASP A 1496 5.57 -22.11 -0.85
C ASP A 1496 4.83 -23.27 -1.50
N ALA A 1497 5.53 -24.38 -1.74
CA ALA A 1497 4.97 -25.44 -2.58
C ALA A 1497 3.68 -26.00 -1.98
N ASP A 1498 3.64 -26.20 -0.67
CA ASP A 1498 2.56 -26.94 -0.04
C ASP A 1498 1.52 -26.04 0.63
N VAL A 1499 1.56 -24.73 0.38
CA VAL A 1499 0.55 -23.84 0.97
C VAL A 1499 -0.85 -24.18 0.47
N PRO A 1500 -1.10 -24.30 -0.84
CA PRO A 1500 -2.45 -24.69 -1.26
C PRO A 1500 -2.86 -26.06 -0.75
N ALA A 1501 -1.92 -26.99 -0.66
CA ALA A 1501 -2.26 -28.31 -0.11
C ALA A 1501 -2.68 -28.19 1.35
N PHE A 1502 -1.97 -27.39 2.13
CA PHE A 1502 -2.33 -27.19 3.53
C PHE A 1502 -3.70 -26.55 3.66
N VAL A 1503 -3.98 -25.53 2.84
CA VAL A 1503 -5.28 -24.88 2.88
C VAL A 1503 -6.38 -25.86 2.51
N ALA A 1504 -6.18 -26.65 1.46
CA ALA A 1504 -7.18 -27.63 1.07
C ALA A 1504 -7.39 -28.66 2.17
N GLY A 1505 -6.30 -29.08 2.82
CA GLY A 1505 -6.44 -30.03 3.91
C GLY A 1505 -7.27 -29.49 5.05
N ILE A 1506 -7.03 -28.23 5.44
CA ILE A 1506 -7.81 -27.66 6.53
C ILE A 1506 -9.27 -27.49 6.10
N ALA A 1507 -9.49 -27.13 4.83
CA ALA A 1507 -10.85 -26.99 4.34
C ALA A 1507 -11.58 -28.33 4.42
N GLU A 1508 -10.93 -29.41 4.00
CA GLU A 1508 -11.54 -30.73 4.09
C GLU A 1508 -11.79 -31.12 5.54
N SER A 1509 -10.84 -30.82 6.43
CA SER A 1509 -11.01 -31.16 7.83
C SER A 1509 -12.22 -30.47 8.43
N THR A 1510 -12.39 -29.18 8.13
CA THR A 1510 -13.52 -28.42 8.64
C THR A 1510 -14.75 -28.50 7.75
N GLY A 1511 -14.61 -29.03 6.54
CA GLY A 1511 -15.75 -29.11 5.63
C GLY A 1511 -16.35 -27.75 5.32
N GLU A 1512 -15.49 -26.74 5.16
CA GLU A 1512 -15.92 -25.38 4.87
C GLU A 1512 -15.35 -24.95 3.52
N PHE A 1513 -15.53 -23.68 3.19
CA PHE A 1513 -15.09 -23.12 1.92
C PHE A 1513 -13.90 -22.20 2.19
N LEU A 1514 -12.70 -22.70 1.91
CA LEU A 1514 -11.47 -21.94 2.04
C LEU A 1514 -10.78 -21.90 0.68
N GLU A 1515 -10.31 -20.73 0.28
CA GLU A 1515 -9.69 -20.58 -1.03
C GLU A 1515 -8.67 -19.46 -0.99
N ILE A 1516 -7.45 -19.78 -1.42
CA ILE A 1516 -6.44 -18.80 -1.77
C ILE A 1516 -7.05 -17.75 -2.70
N VAL A 1517 -6.67 -16.48 -2.52
CA VAL A 1517 -7.12 -15.43 -3.43
C VAL A 1517 -5.94 -14.66 -3.99
N ASN A 1518 -5.09 -14.11 -3.11
CA ASN A 1518 -3.98 -13.27 -3.53
C ASN A 1518 -2.67 -13.95 -3.19
N PHE A 1519 -1.85 -14.18 -4.22
CA PHE A 1519 -0.47 -14.67 -4.07
C PHE A 1519 0.45 -13.47 -4.18
N ASN A 1520 0.57 -12.71 -3.09
CA ASN A 1520 1.30 -11.45 -3.14
C ASN A 1520 2.81 -11.65 -3.09
N LEU A 1521 3.32 -12.20 -2.00
CA LEU A 1521 4.75 -12.34 -1.79
C LEU A 1521 5.13 -13.81 -1.81
N ARG A 1522 6.28 -14.10 -2.42
CA ARG A 1522 6.64 -15.49 -2.69
C ARG A 1522 6.64 -16.31 -1.41
N GLY A 1523 7.29 -15.82 -0.36
CA GLY A 1523 7.48 -16.61 0.83
C GLY A 1523 6.59 -16.23 2.01
N SER A 1524 6.44 -14.95 2.27
CA SER A 1524 5.89 -14.47 3.54
C SER A 1524 4.68 -13.60 3.34
N GLN A 1525 3.78 -13.96 2.43
CA GLN A 1525 2.52 -13.25 2.31
C GLN A 1525 1.53 -14.00 1.41
N TYR A 1526 0.32 -14.20 1.91
CA TYR A 1526 -0.74 -14.82 1.12
C TYR A 1526 -2.07 -14.30 1.67
N ALA A 1527 -3.10 -14.36 0.83
CA ALA A 1527 -4.45 -13.96 1.25
C ALA A 1527 -5.39 -15.13 1.07
N ILE A 1528 -6.15 -15.45 2.12
CA ILE A 1528 -7.10 -16.56 2.13
C ILE A 1528 -8.47 -16.01 2.47
N ALA A 1529 -9.46 -16.33 1.64
CA ALA A 1529 -10.82 -15.87 1.82
C ALA A 1529 -11.75 -17.07 1.94
N GLY A 1530 -12.76 -16.96 2.80
CA GLY A 1530 -13.69 -18.04 2.99
C GLY A 1530 -14.73 -17.73 4.03
N THR A 1531 -15.41 -18.77 4.50
CA THR A 1531 -16.44 -18.61 5.51
C THR A 1531 -15.81 -18.18 6.84
N VAL A 1532 -16.66 -17.99 7.84
CA VAL A 1532 -16.18 -17.52 9.14
C VAL A 1532 -15.56 -18.67 9.93
N ARG A 1533 -16.35 -19.70 10.22
CA ARG A 1533 -15.85 -20.82 11.02
C ARG A 1533 -14.59 -21.42 10.41
N GLY A 1534 -14.54 -21.49 9.08
CA GLY A 1534 -13.32 -21.95 8.43
C GLY A 1534 -12.13 -21.06 8.77
N LEU A 1535 -12.33 -19.74 8.74
CA LEU A 1535 -11.27 -18.83 9.11
C LEU A 1535 -10.84 -19.02 10.56
N GLU A 1536 -11.81 -19.31 11.44
CA GLU A 1536 -11.49 -19.52 12.85
C GLU A 1536 -10.62 -20.76 13.03
N ALA A 1537 -11.00 -21.85 12.38
CA ALA A 1537 -10.14 -23.04 12.41
C ALA A 1537 -8.77 -22.70 11.85
N LEU A 1538 -8.73 -21.90 10.78
CA LEU A 1538 -7.46 -21.61 10.12
C LEU A 1538 -6.51 -20.87 11.06
N GLU A 1539 -6.94 -19.76 11.65
CA GLU A 1539 -5.94 -19.03 12.44
C GLU A 1539 -5.72 -19.72 13.78
N ALA A 1540 -6.66 -20.56 14.24
CA ALA A 1540 -6.36 -21.38 15.41
C ALA A 1540 -5.18 -22.30 15.13
N GLU A 1541 -5.23 -23.02 14.01
CA GLU A 1541 -4.11 -23.89 13.64
C GLU A 1541 -2.84 -23.09 13.42
N VAL A 1542 -2.96 -21.94 12.76
CA VAL A 1542 -1.78 -21.13 12.48
C VAL A 1542 -1.15 -20.66 13.79
N GLU A 1543 -1.96 -20.24 14.75
CA GLU A 1543 -1.43 -19.79 16.03
C GLU A 1543 -0.79 -20.94 16.80
N ARG A 1544 -1.38 -22.13 16.74
CA ARG A 1544 -0.77 -23.27 17.41
C ARG A 1544 0.61 -23.54 16.83
N ARG A 1545 0.71 -23.58 15.49
CA ARG A 1545 2.01 -23.79 14.87
C ARG A 1545 2.98 -22.66 15.21
N ARG A 1546 2.47 -21.43 15.24
CA ARG A 1546 3.30 -20.28 15.54
C ARG A 1546 3.91 -20.40 16.93
N GLU A 1547 3.08 -20.65 17.94
CA GLU A 1547 3.61 -20.82 19.29
C GLU A 1547 4.53 -22.03 19.37
N LEU A 1548 4.31 -23.02 18.51
CA LEU A 1548 5.24 -24.15 18.45
C LEU A 1548 6.61 -23.71 17.97
N THR A 1549 6.67 -22.85 16.96
CA THR A 1549 7.95 -22.51 16.33
C THR A 1549 8.56 -21.24 16.92
N GLY A 1550 7.87 -20.11 16.78
CA GLY A 1550 8.43 -18.85 17.22
C GLY A 1550 7.58 -17.63 16.89
N GLY A 1551 7.55 -16.66 17.82
CA GLY A 1551 6.69 -15.50 17.70
C GLY A 1551 6.92 -14.67 16.46
N ARG A 1552 5.89 -14.54 15.62
CA ARG A 1552 5.95 -13.69 14.44
C ARG A 1552 4.70 -12.88 14.17
N ARG A 1553 3.56 -13.20 14.80
CA ARG A 1553 2.28 -12.58 14.47
C ARG A 1553 1.95 -12.83 12.98
N SER A 1554 1.72 -14.10 12.69
CA SER A 1554 1.61 -14.60 11.32
C SER A 1554 0.17 -14.75 10.87
N PHE A 1555 -0.73 -13.87 11.30
CA PHE A 1555 -2.11 -13.90 10.81
C PHE A 1555 -2.73 -12.54 11.08
N ILE A 1556 -3.17 -11.86 10.02
CA ILE A 1556 -3.80 -10.56 10.13
C ILE A 1556 -5.14 -10.61 9.42
N LEU A 1557 -6.23 -10.39 10.16
CA LEU A 1557 -7.54 -10.42 9.56
C LEU A 1557 -7.80 -9.10 8.84
N VAL A 1558 -7.94 -9.15 7.53
CA VAL A 1558 -8.12 -7.92 6.75
C VAL A 1558 -9.41 -7.24 7.20
N PRO A 1559 -9.40 -5.97 7.56
CA PRO A 1559 -10.60 -5.33 8.09
C PRO A 1559 -11.48 -4.73 6.99
N GLY A 1560 -12.74 -4.49 7.37
CA GLY A 1560 -13.68 -3.84 6.48
C GLY A 1560 -14.20 -4.75 5.38
N ILE A 1561 -13.32 -5.11 4.45
CA ILE A 1561 -13.73 -5.94 3.32
C ILE A 1561 -14.31 -7.24 3.82
N ASP A 1562 -15.50 -7.59 3.32
CA ASP A 1562 -16.19 -8.80 3.74
C ASP A 1562 -16.85 -9.51 2.55
N VAL A 1563 -16.24 -9.41 1.37
CA VAL A 1563 -16.72 -10.09 0.17
C VAL A 1563 -15.59 -10.96 -0.34
N PRO A 1564 -15.85 -12.22 -0.68
CA PRO A 1564 -14.74 -13.12 -1.10
C PRO A 1564 -14.33 -12.87 -2.55
N PHE A 1565 -13.55 -11.82 -2.76
CA PHE A 1565 -13.14 -11.45 -4.10
C PHE A 1565 -12.18 -12.49 -4.68
N HIS A 1566 -12.31 -12.71 -5.99
CA HIS A 1566 -11.45 -13.64 -6.72
C HIS A 1566 -11.63 -15.07 -6.28
N SER A 1567 -12.75 -15.39 -5.65
CA SER A 1567 -13.07 -16.74 -5.22
C SER A 1567 -14.05 -17.39 -6.19
N ARG A 1568 -14.20 -18.70 -6.07
CA ARG A 1568 -15.11 -19.42 -6.95
C ARG A 1568 -16.55 -18.99 -6.74
N VAL A 1569 -16.92 -18.60 -5.52
CA VAL A 1569 -18.31 -18.29 -5.22
C VAL A 1569 -18.80 -17.13 -6.07
N LEU A 1570 -17.91 -16.23 -6.46
CA LEU A 1570 -18.28 -15.08 -7.27
C LEU A 1570 -18.41 -15.41 -8.76
N ARG A 1571 -18.41 -16.69 -9.12
CA ARG A 1571 -18.48 -17.10 -10.51
C ARG A 1571 -19.91 -17.18 -11.03
N VAL A 1572 -20.86 -16.50 -10.37
CA VAL A 1572 -22.25 -16.47 -10.82
C VAL A 1572 -22.49 -15.16 -11.53
N GLY A 1573 -21.86 -14.09 -11.06
CA GLY A 1573 -21.99 -12.78 -11.66
C GLY A 1573 -21.12 -12.55 -12.86
N VAL A 1574 -20.32 -13.54 -13.27
CA VAL A 1574 -19.40 -13.35 -14.38
C VAL A 1574 -20.16 -13.09 -15.67
N ALA A 1575 -21.30 -13.75 -15.86
CA ALA A 1575 -22.04 -13.62 -17.11
C ALA A 1575 -22.49 -12.18 -17.34
N GLU A 1576 -23.06 -11.56 -16.32
CA GLU A 1576 -23.53 -10.19 -16.47
C GLU A 1576 -22.37 -9.23 -16.73
N PHE A 1577 -21.24 -9.44 -16.04
CA PHE A 1577 -20.08 -8.60 -16.28
C PHE A 1577 -19.57 -8.76 -17.70
N ARG A 1578 -19.55 -9.99 -18.21
CA ARG A 1578 -19.15 -10.19 -19.60
C ARG A 1578 -20.09 -9.47 -20.55
N ARG A 1579 -21.39 -9.55 -20.28
CA ARG A 1579 -22.35 -8.84 -21.13
C ARG A 1579 -22.09 -7.34 -21.12
N SER A 1580 -21.85 -6.78 -19.94
CA SER A 1580 -21.58 -5.35 -19.83
C SER A 1580 -20.32 -4.98 -20.59
N LEU A 1581 -19.25 -5.77 -20.43
CA LEU A 1581 -18.01 -5.47 -21.12
C LEU A 1581 -18.19 -5.53 -22.63
N ASP A 1582 -18.93 -6.54 -23.11
CA ASP A 1582 -19.22 -6.62 -24.54
C ASP A 1582 -19.99 -5.39 -25.00
N ARG A 1583 -20.92 -4.92 -24.18
CA ARG A 1583 -21.70 -3.74 -24.54
C ARG A 1583 -20.81 -2.50 -24.63
N VAL A 1584 -19.88 -2.35 -23.70
CA VAL A 1584 -19.14 -1.09 -23.60
C VAL A 1584 -17.79 -1.13 -24.32
N MET A 1585 -17.17 -2.30 -24.41
CA MET A 1585 -15.83 -2.38 -24.99
C MET A 1585 -15.86 -1.90 -26.43
N PRO A 1586 -14.87 -1.11 -26.88
CA PRO A 1586 -14.88 -0.66 -28.27
C PRO A 1586 -14.85 -1.82 -29.25
N ARG A 1587 -15.57 -1.64 -30.36
CA ARG A 1587 -15.66 -2.71 -31.35
C ARG A 1587 -14.35 -2.88 -32.10
N ASP A 1588 -13.89 -1.83 -32.77
CA ASP A 1588 -12.65 -1.87 -33.54
C ASP A 1588 -11.50 -1.41 -32.66
N ALA A 1589 -10.67 -2.36 -32.23
CA ALA A 1589 -9.50 -2.07 -31.42
C ALA A 1589 -8.28 -2.70 -32.08
N ASP A 1590 -7.11 -2.13 -31.80
CA ASP A 1590 -5.87 -2.60 -32.40
C ASP A 1590 -5.21 -3.60 -31.45
N PRO A 1591 -5.16 -4.89 -31.79
CA PRO A 1591 -4.50 -5.84 -30.89
C PRO A 1591 -3.04 -5.52 -30.65
N ASP A 1592 -2.38 -4.84 -31.58
CA ASP A 1592 -0.98 -4.49 -31.40
C ASP A 1592 -0.78 -3.56 -30.22
N LEU A 1593 -1.84 -2.92 -29.73
CA LEU A 1593 -1.73 -2.01 -28.61
C LEU A 1593 -1.54 -2.73 -27.29
N ILE A 1594 -1.83 -4.02 -27.21
CA ILE A 1594 -1.63 -4.79 -25.99
C ILE A 1594 -0.76 -6.02 -26.19
N ILE A 1595 -0.65 -6.58 -27.39
CA ILE A 1595 0.13 -7.79 -27.59
C ILE A 1595 1.56 -7.54 -27.15
N GLY A 1596 2.08 -8.43 -26.32
CA GLY A 1596 3.41 -8.23 -25.78
C GLY A 1596 3.54 -6.98 -24.94
N ARG A 1597 2.42 -6.44 -24.45
CA ARG A 1597 2.45 -5.20 -23.68
C ARG A 1597 1.50 -5.25 -22.49
N TYR A 1598 1.03 -6.42 -22.08
CA TYR A 1598 0.02 -6.53 -21.04
C TYR A 1598 0.14 -7.87 -20.35
N ILE A 1599 0.32 -7.84 -19.04
CA ILE A 1599 0.48 -9.05 -18.23
C ILE A 1599 -0.84 -9.33 -17.50
N PRO A 1600 -1.72 -10.16 -18.06
CA PRO A 1600 -2.98 -10.45 -17.37
C PRO A 1600 -2.73 -11.07 -16.01
N ASN A 1601 -3.79 -11.19 -15.23
CA ASN A 1601 -3.68 -11.64 -13.85
C ASN A 1601 -4.01 -13.12 -13.68
N LEU A 1602 -5.19 -13.57 -14.11
CA LEU A 1602 -5.52 -14.97 -13.93
C LEU A 1602 -4.64 -15.89 -14.77
N VAL A 1603 -3.95 -15.34 -15.78
CA VAL A 1603 -2.95 -16.08 -16.54
C VAL A 1603 -1.70 -15.21 -16.61
N PRO A 1604 -0.68 -15.45 -15.78
CA PRO A 1604 0.45 -14.51 -15.70
C PRO A 1604 1.22 -14.34 -17.01
N ARG A 1605 1.14 -15.28 -17.93
CA ARG A 1605 1.93 -15.20 -19.14
C ARG A 1605 1.64 -13.92 -19.91
N LEU A 1606 2.65 -13.41 -20.61
CA LEU A 1606 2.49 -12.20 -21.39
C LEU A 1606 1.44 -12.39 -22.46
N PHE A 1607 0.54 -11.41 -22.58
CA PHE A 1607 -0.57 -11.51 -23.53
C PHE A 1607 -0.03 -11.77 -24.92
N THR A 1608 -0.51 -12.83 -25.56
CA THR A 1608 -0.01 -13.25 -26.86
C THR A 1608 -1.10 -13.98 -27.63
N LEU A 1609 -0.98 -13.95 -28.95
CA LEU A 1609 -1.95 -14.59 -29.84
C LEU A 1609 -1.46 -15.97 -30.26
N ASP A 1610 -1.34 -16.85 -29.28
CA ASP A 1610 -0.83 -18.20 -29.50
C ASP A 1610 -1.84 -19.22 -29.01
N ARG A 1611 -1.98 -20.30 -29.79
CA ARG A 1611 -2.96 -21.33 -29.45
C ARG A 1611 -2.76 -21.85 -28.03
N ASP A 1612 -1.50 -21.95 -27.59
CA ASP A 1612 -1.25 -22.46 -26.24
C ASP A 1612 -1.84 -21.52 -25.19
N PHE A 1613 -1.70 -20.21 -25.39
CA PHE A 1613 -2.25 -19.25 -24.43
C PHE A 1613 -3.77 -19.37 -24.36
N ILE A 1614 -4.42 -19.49 -25.50
CA ILE A 1614 -5.87 -19.62 -25.52
C ILE A 1614 -6.29 -20.92 -24.84
N GLN A 1615 -5.56 -22.02 -25.12
CA GLN A 1615 -5.87 -23.28 -24.47
C GLN A 1615 -5.74 -23.18 -22.97
N GLU A 1616 -4.70 -22.49 -22.49
CA GLU A 1616 -4.50 -22.34 -21.06
C GLU A 1616 -5.62 -21.52 -20.43
N ILE A 1617 -5.98 -20.40 -21.07
CA ILE A 1617 -7.07 -19.59 -20.52
C ILE A 1617 -8.39 -20.34 -20.58
N ARG A 1618 -8.55 -21.27 -21.53
CA ARG A 1618 -9.78 -22.04 -21.61
C ARG A 1618 -9.85 -23.11 -20.53
N ASP A 1619 -8.77 -23.86 -20.34
CA ASP A 1619 -8.80 -24.96 -19.38
C ASP A 1619 -8.64 -24.49 -17.94
N LEU A 1620 -8.13 -23.27 -17.72
CA LEU A 1620 -8.07 -22.76 -16.36
C LEU A 1620 -9.47 -22.47 -15.82
N VAL A 1621 -10.30 -21.82 -16.62
CA VAL A 1621 -11.70 -21.57 -16.26
C VAL A 1621 -12.57 -21.69 -17.48
N PRO A 1622 -13.82 -22.12 -17.29
CA PRO A 1622 -14.71 -22.30 -18.45
C PRO A 1622 -14.93 -20.99 -19.18
N ALA A 1623 -15.01 -21.08 -20.51
CA ALA A 1623 -15.27 -19.91 -21.34
C ALA A 1623 -16.00 -20.39 -22.59
N GLU A 1624 -17.33 -20.31 -22.57
CA GLU A 1624 -18.11 -20.74 -23.73
C GLU A 1624 -17.76 -19.95 -24.99
N PRO A 1625 -17.75 -18.62 -24.98
CA PRO A 1625 -17.43 -17.90 -26.23
C PRO A 1625 -16.05 -18.20 -26.75
N LEU A 1626 -15.14 -18.67 -25.90
CA LEU A 1626 -13.81 -19.04 -26.34
C LEU A 1626 -13.75 -20.41 -26.99
N ASP A 1627 -14.75 -21.26 -26.75
CA ASP A 1627 -14.69 -22.62 -27.28
C ASP A 1627 -14.62 -22.61 -28.80
N GLU A 1628 -15.42 -21.76 -29.44
CA GLU A 1628 -15.39 -21.69 -30.90
C GLU A 1628 -14.02 -21.30 -31.41
N ILE A 1629 -13.22 -20.59 -30.60
CA ILE A 1629 -11.85 -20.28 -31.01
C ILE A 1629 -11.03 -21.56 -31.13
N LEU A 1630 -11.17 -22.47 -30.16
CA LEU A 1630 -10.33 -23.65 -30.12
C LEU A 1630 -10.60 -24.56 -31.30
N ALA A 1631 -11.87 -24.72 -31.67
CA ALA A 1631 -12.22 -25.65 -32.74
C ALA A 1631 -11.50 -25.30 -34.04
N ASP A 1632 -11.49 -24.03 -34.40
CA ASP A 1632 -10.78 -23.55 -35.58
C ASP A 1632 -9.97 -22.32 -35.18
N TYR A 1633 -8.66 -22.39 -35.39
CA TYR A 1633 -7.75 -21.34 -34.93
C TYR A 1633 -7.01 -20.66 -36.06
N ASP A 1634 -6.35 -21.43 -36.94
CA ASP A 1634 -5.51 -20.83 -37.97
C ASP A 1634 -6.32 -19.91 -38.87
N THR A 1635 -7.42 -20.42 -39.43
CA THR A 1635 -8.21 -19.61 -40.35
C THR A 1635 -8.80 -18.40 -39.63
N TRP A 1636 -9.30 -18.60 -38.41
CA TRP A 1636 -9.89 -17.49 -37.66
C TRP A 1636 -8.84 -16.43 -37.37
N LEU A 1637 -7.63 -16.84 -37.00
CA LEU A 1637 -6.55 -15.88 -36.82
C LEU A 1637 -6.26 -15.14 -38.11
N ARG A 1638 -6.26 -15.85 -39.24
CA ARG A 1638 -5.98 -15.21 -40.52
C ARG A 1638 -7.03 -14.17 -40.87
N GLU A 1639 -8.31 -14.48 -40.66
CA GLU A 1639 -9.39 -13.66 -41.19
C GLU A 1639 -9.92 -12.64 -40.18
N ARG A 1640 -10.01 -13.00 -38.91
CA ARG A 1640 -10.58 -12.13 -37.88
C ARG A 1640 -9.60 -12.00 -36.72
N PRO A 1641 -8.43 -11.42 -36.96
CA PRO A 1641 -7.48 -11.20 -35.87
C PRO A 1641 -8.03 -10.24 -34.82
N ARG A 1642 -8.57 -9.11 -35.28
CA ARG A 1642 -9.10 -8.12 -34.35
C ARG A 1642 -10.26 -8.67 -33.54
N GLU A 1643 -11.20 -9.35 -34.21
CA GLU A 1643 -12.37 -9.86 -33.51
C GLU A 1643 -11.99 -10.90 -32.47
N MET A 1644 -11.12 -11.84 -32.85
CA MET A 1644 -10.72 -12.89 -31.91
C MET A 1644 -9.91 -12.31 -30.76
N ALA A 1645 -9.06 -11.32 -31.06
CA ALA A 1645 -8.32 -10.64 -30.00
C ALA A 1645 -9.26 -9.96 -29.01
N ARG A 1646 -10.28 -9.28 -29.52
CA ARG A 1646 -11.25 -8.64 -28.63
C ARG A 1646 -11.99 -9.68 -27.79
N THR A 1647 -12.36 -10.80 -28.41
CA THR A 1647 -13.08 -11.83 -27.66
C THR A 1647 -12.23 -12.38 -26.53
N VAL A 1648 -10.96 -12.70 -26.82
CA VAL A 1648 -10.10 -13.21 -25.75
C VAL A 1648 -9.88 -12.15 -24.69
N PHE A 1649 -9.75 -10.89 -25.12
CA PHE A 1649 -9.50 -9.81 -24.16
C PHE A 1649 -10.68 -9.66 -23.20
N ILE A 1650 -11.91 -9.64 -23.73
CA ILE A 1650 -13.06 -9.46 -22.86
C ILE A 1650 -13.26 -10.69 -21.98
N GLU A 1651 -13.01 -11.89 -22.52
CA GLU A 1651 -13.13 -13.08 -21.69
C GLU A 1651 -12.15 -13.02 -20.52
N LEU A 1652 -10.89 -12.64 -20.80
CA LEU A 1652 -9.90 -12.53 -19.74
C LEU A 1652 -10.33 -11.49 -18.71
N LEU A 1653 -10.74 -10.31 -19.19
CA LEU A 1653 -11.09 -9.24 -18.27
C LEU A 1653 -12.26 -9.63 -17.39
N ALA A 1654 -13.27 -10.30 -17.97
CA ALA A 1654 -14.42 -10.73 -17.18
C ALA A 1654 -14.02 -11.77 -16.14
N TRP A 1655 -13.32 -12.82 -16.57
CA TRP A 1655 -12.98 -13.88 -15.63
C TRP A 1655 -11.97 -13.45 -14.58
N GLN A 1656 -11.28 -12.32 -14.79
CA GLN A 1656 -10.23 -11.94 -13.85
C GLN A 1656 -10.77 -11.75 -12.44
N PHE A 1657 -11.92 -11.10 -12.30
CA PHE A 1657 -12.43 -10.76 -10.97
C PHE A 1657 -12.96 -11.96 -10.21
N ALA A 1658 -13.01 -13.14 -10.83
CA ALA A 1658 -13.48 -14.35 -10.16
C ALA A 1658 -12.37 -15.31 -9.78
N SER A 1659 -11.24 -15.30 -10.50
CA SER A 1659 -10.15 -16.23 -10.23
C SER A 1659 -9.05 -15.56 -9.41
N PRO A 1660 -8.31 -16.33 -8.62
CA PRO A 1660 -7.27 -15.71 -7.78
C PRO A 1660 -6.22 -14.99 -8.62
N VAL A 1661 -5.74 -13.86 -8.11
CA VAL A 1661 -4.61 -13.21 -8.75
C VAL A 1661 -3.35 -14.01 -8.47
N ARG A 1662 -2.39 -13.93 -9.38
CA ARG A 1662 -1.19 -14.74 -9.36
C ARG A 1662 0.05 -13.85 -9.41
N TRP A 1663 0.08 -12.87 -8.52
CA TRP A 1663 1.13 -11.85 -8.55
C TRP A 1663 2.52 -12.47 -8.48
N ILE A 1664 2.67 -13.64 -7.84
CA ILE A 1664 3.99 -14.27 -7.76
C ILE A 1664 4.51 -14.57 -9.15
N GLU A 1665 3.68 -15.19 -9.99
CA GLU A 1665 4.11 -15.54 -11.33
C GLU A 1665 4.43 -14.29 -12.14
N THR A 1666 3.62 -13.24 -12.02
CA THR A 1666 3.90 -12.03 -12.76
C THR A 1666 5.22 -11.42 -12.34
N GLN A 1667 5.47 -11.34 -11.03
CA GLN A 1667 6.73 -10.78 -10.55
C GLN A 1667 7.91 -11.59 -11.02
N ASP A 1668 7.82 -12.92 -10.94
CA ASP A 1668 8.94 -13.76 -11.36
C ASP A 1668 9.16 -13.64 -12.87
N LEU A 1669 8.09 -13.55 -13.64
CA LEU A 1669 8.23 -13.35 -15.08
C LEU A 1669 8.84 -12.00 -15.40
N LEU A 1670 8.58 -10.99 -14.57
CA LEU A 1670 9.13 -9.67 -14.82
C LEU A 1670 10.61 -9.58 -14.45
N PHE A 1671 11.02 -10.24 -13.37
CA PHE A 1671 12.36 -10.03 -12.85
C PHE A 1671 13.38 -11.02 -13.38
N ILE A 1672 12.97 -12.21 -13.82
CA ILE A 1672 13.93 -13.17 -14.35
C ILE A 1672 14.56 -12.60 -15.61
N GLU A 1673 15.89 -12.75 -15.71
CA GLU A 1673 16.61 -12.18 -16.84
C GLU A 1673 16.16 -12.82 -18.15
N GLU A 1674 16.61 -12.21 -19.25
CA GLU A 1674 16.17 -12.66 -20.57
C GLU A 1674 16.61 -14.10 -20.85
N ALA A 1675 17.79 -14.49 -20.36
CA ALA A 1675 18.32 -15.81 -20.69
C ALA A 1675 17.39 -16.91 -20.20
N ALA A 1676 16.88 -16.77 -18.98
CA ALA A 1676 16.06 -17.84 -18.37
C ALA A 1676 14.58 -17.66 -18.67
N GLY A 1677 14.24 -17.49 -19.95
CA GLY A 1677 12.86 -17.52 -20.38
C GLY A 1677 11.94 -16.55 -19.66
N GLY A 1678 12.39 -15.31 -19.49
CA GLY A 1678 11.57 -14.32 -18.81
C GLY A 1678 11.94 -12.92 -19.23
N LEU A 1679 10.95 -12.03 -19.13
CA LEU A 1679 11.17 -10.64 -19.52
C LEU A 1679 12.23 -10.01 -18.63
N GLY A 1680 13.19 -9.33 -19.26
CA GLY A 1680 14.20 -8.61 -18.51
C GLY A 1680 13.84 -7.15 -18.37
N VAL A 1681 13.33 -6.77 -17.20
CA VAL A 1681 12.87 -5.41 -16.95
C VAL A 1681 13.93 -4.68 -16.14
N GLU A 1682 14.27 -3.47 -16.58
CA GLU A 1682 15.31 -2.69 -15.91
C GLU A 1682 14.76 -1.93 -14.71
N ARG A 1683 13.66 -1.20 -14.90
CA ARG A 1683 13.02 -0.45 -13.82
C ARG A 1683 11.58 -0.90 -13.67
N PHE A 1684 11.17 -1.13 -12.43
CA PHE A 1684 9.81 -1.53 -12.07
C PHE A 1684 9.22 -0.38 -11.29
N VAL A 1685 8.50 0.51 -11.98
CA VAL A 1685 7.90 1.69 -11.38
C VAL A 1685 6.40 1.49 -11.32
N GLU A 1686 5.80 1.86 -10.19
CA GLU A 1686 4.35 1.73 -10.00
C GLU A 1686 3.74 3.10 -9.82
N ILE A 1687 2.53 3.28 -10.34
CA ILE A 1687 1.81 4.53 -10.23
C ILE A 1687 0.98 4.44 -8.94
N GLY A 1688 1.63 4.74 -7.82
CA GLY A 1688 1.00 4.64 -6.52
C GLY A 1688 0.94 5.98 -5.82
N VAL A 1689 0.88 5.91 -4.49
CA VAL A 1689 0.87 7.10 -3.66
C VAL A 1689 1.95 6.95 -2.61
N LYS A 1690 2.40 8.10 -2.08
CA LYS A 1690 3.50 8.09 -1.13
C LYS A 1690 3.11 7.44 0.19
N SER A 1691 1.86 7.60 0.62
CA SER A 1691 1.47 7.19 1.96
C SER A 1691 1.64 5.69 2.17
N SER A 1692 1.06 4.89 1.27
CA SER A 1692 1.02 3.43 1.43
C SER A 1692 1.46 2.76 0.14
N PRO A 1693 2.76 2.72 -0.14
CA PRO A 1693 3.25 2.04 -1.34
C PRO A 1693 3.31 0.52 -1.17
N THR A 1694 2.15 -0.12 -1.35
CA THR A 1694 2.06 -1.56 -1.11
C THR A 1694 2.81 -2.35 -2.19
N VAL A 1695 2.57 -2.02 -3.45
CA VAL A 1695 3.18 -2.80 -4.53
C VAL A 1695 4.69 -2.61 -4.54
N ALA A 1696 5.17 -1.40 -4.24
CA ALA A 1696 6.61 -1.19 -4.16
C ALA A 1696 7.21 -2.01 -3.03
N GLY A 1697 6.54 -2.07 -1.89
CA GLY A 1697 6.99 -2.95 -0.83
C GLY A 1697 7.04 -4.40 -1.26
N LEU A 1698 6.02 -4.84 -1.99
CA LEU A 1698 6.00 -6.22 -2.48
C LEU A 1698 7.18 -6.48 -3.41
N ALA A 1699 7.44 -5.55 -4.33
CA ALA A 1699 8.53 -5.74 -5.28
C ALA A 1699 9.88 -5.77 -4.57
N THR A 1700 10.10 -4.84 -3.63
CA THR A 1700 11.36 -4.84 -2.89
C THR A 1700 11.52 -6.11 -2.08
N ASN A 1701 10.45 -6.56 -1.43
CA ASN A 1701 10.52 -7.79 -0.63
C ASN A 1701 10.85 -8.98 -1.51
N THR A 1702 10.22 -9.08 -2.68
CA THR A 1702 10.53 -10.17 -3.59
C THR A 1702 11.98 -10.11 -4.05
N LEU A 1703 12.47 -8.90 -4.35
CA LEU A 1703 13.85 -8.76 -4.83
C LEU A 1703 14.85 -9.15 -3.74
N LYS A 1704 14.59 -8.78 -2.49
CA LYS A 1704 15.55 -9.09 -1.44
C LYS A 1704 15.51 -10.56 -1.02
N LEU A 1705 14.65 -11.38 -1.63
CA LEU A 1705 14.65 -12.79 -1.31
C LEU A 1705 15.98 -13.42 -1.73
N PRO A 1706 16.38 -14.53 -1.11
CA PRO A 1706 17.65 -15.16 -1.48
C PRO A 1706 17.62 -15.83 -2.84
N GLU A 1707 16.44 -15.98 -3.45
CA GLU A 1707 16.38 -16.64 -4.75
C GLU A 1707 17.25 -15.91 -5.77
N TYR A 1708 17.18 -14.59 -5.81
CA TYR A 1708 18.07 -13.79 -6.64
C TYR A 1708 18.51 -12.58 -5.84
N ALA A 1709 19.83 -12.44 -5.67
CA ALA A 1709 20.40 -11.29 -4.98
C ALA A 1709 21.23 -10.40 -5.90
N HIS A 1710 21.49 -10.82 -7.13
CA HIS A 1710 22.22 -10.01 -8.10
C HIS A 1710 21.30 -9.33 -9.09
N SER A 1711 19.98 -9.42 -8.90
CA SER A 1711 19.04 -8.78 -9.82
C SER A 1711 19.21 -7.28 -9.75
N THR A 1712 19.56 -6.66 -10.88
CA THR A 1712 19.70 -5.21 -10.96
C THR A 1712 18.41 -4.59 -11.49
N VAL A 1713 17.32 -4.88 -10.78
CA VAL A 1713 16.00 -4.39 -11.17
C VAL A 1713 15.57 -3.29 -10.20
N GLU A 1714 15.87 -2.04 -10.56
CA GLU A 1714 15.54 -0.93 -9.69
C GLU A 1714 14.03 -0.81 -9.54
N VAL A 1715 13.57 -0.61 -8.31
CA VAL A 1715 12.15 -0.49 -7.99
C VAL A 1715 11.88 0.96 -7.61
N LEU A 1716 10.85 1.53 -8.23
CA LEU A 1716 10.52 2.93 -8.03
C LEU A 1716 9.05 3.07 -7.67
N ASN A 1717 8.72 4.18 -7.01
CA ASN A 1717 7.35 4.55 -6.72
C ASN A 1717 7.09 5.94 -7.31
N ALA A 1718 5.96 6.09 -7.98
CA ALA A 1718 5.69 7.29 -8.76
C ALA A 1718 5.52 8.54 -7.89
N GLU A 1719 5.39 8.39 -6.58
CA GLU A 1719 5.27 9.54 -5.69
C GLU A 1719 6.42 9.66 -4.70
N ARG A 1720 6.86 8.55 -4.10
CA ARG A 1720 8.00 8.62 -3.18
C ARG A 1720 9.24 9.08 -3.92
N ASP A 1721 9.50 8.54 -5.10
CA ASP A 1721 10.73 8.79 -5.85
C ASP A 1721 10.47 9.63 -7.10
N ALA A 1722 9.56 10.60 -6.99
CA ALA A 1722 9.34 11.51 -8.11
C ALA A 1722 10.63 12.21 -8.51
N ALA A 1723 11.47 12.53 -7.53
CA ALA A 1723 12.70 13.27 -7.82
C ALA A 1723 13.60 12.50 -8.79
N VAL A 1724 13.74 11.19 -8.57
CA VAL A 1724 14.56 10.38 -9.46
C VAL A 1724 13.79 9.83 -10.65
N LEU A 1725 12.47 9.74 -10.55
CA LEU A 1725 11.69 9.26 -11.69
C LEU A 1725 11.61 10.30 -12.79
N PHE A 1726 11.41 11.57 -12.42
CA PHE A 1726 11.37 12.66 -13.37
C PHE A 1726 12.76 13.23 -13.65
N ALA A 1727 13.80 12.72 -13.01
CA ALA A 1727 15.17 13.19 -13.23
C ALA A 1727 15.29 14.68 -12.92
N THR A 1728 15.02 15.02 -11.66
CA THR A 1728 15.24 16.37 -11.14
C THR A 1728 15.92 16.29 -9.78
N ASP A 1729 16.92 15.41 -9.67
CA ASP A 1729 17.64 15.20 -8.42
C ASP A 1729 19.11 15.51 -8.63
N THR A 1730 19.64 16.41 -7.82
CA THR A 1730 21.05 16.78 -7.84
C THR A 1730 21.74 16.16 -6.62
N ASP A 1731 23.02 16.50 -6.46
CA ASP A 1731 23.77 16.06 -5.28
C ASP A 1731 24.58 17.21 -4.70
N PRO B 1768 28.51 21.95 30.05
CA PRO B 1768 29.31 20.98 29.29
C PRO B 1768 29.19 21.14 27.78
N ASP B 1769 29.94 20.34 27.03
CA ASP B 1769 29.89 20.41 25.57
C ASP B 1769 28.47 20.11 25.08
N ASP B 1770 28.02 20.89 24.11
CA ASP B 1770 26.68 20.71 23.57
C ASP B 1770 26.59 19.37 22.82
N LEU B 1771 25.40 18.78 22.85
CA LEU B 1771 25.14 17.50 22.20
C LEU B 1771 24.44 17.76 20.88
N VAL B 1772 25.01 17.25 19.79
CA VAL B 1772 24.48 17.52 18.45
C VAL B 1772 23.35 16.53 18.18
N PHE B 1773 22.14 17.06 17.99
CA PHE B 1773 20.98 16.25 17.65
C PHE B 1773 21.05 15.92 16.16
N ASP B 1774 21.46 14.70 15.85
CA ASP B 1774 21.69 14.26 14.48
C ASP B 1774 20.54 13.36 14.04
N ALA B 1775 20.67 12.81 12.82
CA ALA B 1775 19.62 11.97 12.27
C ALA B 1775 19.36 10.77 13.17
N ALA B 1776 20.37 10.27 13.88
CA ALA B 1776 20.15 9.15 14.79
C ALA B 1776 19.17 9.54 15.89
N ASP B 1777 19.35 10.72 16.48
CA ASP B 1777 18.45 11.16 17.55
C ASP B 1777 17.04 11.39 17.00
N ALA B 1778 16.93 11.95 15.80
CA ALA B 1778 15.62 12.16 15.20
C ALA B 1778 14.92 10.83 14.95
N THR B 1779 15.64 9.85 14.44
CA THR B 1779 15.05 8.53 14.24
C THR B 1779 14.63 7.90 15.56
N LEU B 1780 15.46 8.07 16.59
CA LEU B 1780 15.09 7.56 17.92
C LEU B 1780 13.80 8.19 18.40
N ALA B 1781 13.68 9.51 18.27
CA ALA B 1781 12.45 10.19 18.65
C ALA B 1781 11.28 9.66 17.84
N LEU B 1782 11.50 9.42 16.54
CA LEU B 1782 10.39 9.00 15.68
C LEU B 1782 9.88 7.62 16.06
N ILE B 1783 10.77 6.63 16.25
CA ILE B 1783 10.28 5.30 16.58
C ILE B 1783 9.90 5.19 18.04
N ALA B 1784 10.27 6.17 18.87
CA ALA B 1784 9.70 6.25 20.21
C ALA B 1784 8.27 6.78 20.17
N LEU B 1785 8.01 7.77 19.30
CA LEU B 1785 6.68 8.35 19.20
C LEU B 1785 5.71 7.40 18.51
N SER B 1786 6.15 6.74 17.44
CA SER B 1786 5.25 5.89 16.68
C SER B 1786 4.71 4.75 17.53
N ALA B 1787 5.57 4.11 18.31
CA ALA B 1787 5.18 3.02 19.20
C ALA B 1787 4.80 3.51 20.60
N LYS B 1788 4.79 4.83 20.81
CA LYS B 1788 4.52 5.39 22.13
C LYS B 1788 5.55 4.89 23.15
N MET B 1789 6.78 4.73 22.69
CA MET B 1789 7.87 4.22 23.52
C MET B 1789 8.69 5.36 24.09
N ARG B 1790 9.61 5.01 24.97
CA ARG B 1790 10.54 5.96 25.58
C ARG B 1790 11.95 5.68 25.07
N ILE B 1791 12.71 6.75 24.86
CA ILE B 1791 14.07 6.60 24.35
C ILE B 1791 14.91 5.76 25.30
N ASP B 1792 14.72 5.95 26.61
CA ASP B 1792 15.49 5.19 27.58
C ASP B 1792 15.08 3.72 27.60
N GLN B 1793 13.80 3.43 27.38
CA GLN B 1793 13.30 2.07 27.51
C GLN B 1793 13.53 1.22 26.27
N ILE B 1794 14.07 1.79 25.20
CA ILE B 1794 14.39 1.04 23.98
C ILE B 1794 15.87 0.65 24.03
N GLU B 1795 16.16 -0.59 23.68
CA GLU B 1795 17.50 -1.13 23.72
C GLU B 1795 18.11 -1.14 22.32
N GLU B 1796 19.43 -1.30 22.27
CA GLU B 1796 20.15 -1.20 21.01
C GLU B 1796 19.77 -2.33 20.06
N LEU B 1797 19.60 -3.55 20.59
CA LEU B 1797 19.25 -4.67 19.72
C LEU B 1797 17.83 -4.55 19.18
N ASP B 1798 17.02 -3.64 19.71
CA ASP B 1798 15.67 -3.46 19.19
C ASP B 1798 15.71 -3.05 17.72
N SER B 1799 14.88 -3.70 16.92
CA SER B 1799 14.76 -3.41 15.50
C SER B 1799 13.34 -2.91 15.21
N ILE B 1800 13.17 -2.36 14.01
CA ILE B 1800 11.85 -1.87 13.62
C ILE B 1800 10.84 -3.01 13.61
N GLU B 1801 11.28 -4.19 13.20
CA GLU B 1801 10.39 -5.35 13.22
C GLU B 1801 9.96 -5.70 14.64
N SER B 1802 10.89 -5.67 15.59
CA SER B 1802 10.60 -6.12 16.95
C SER B 1802 9.56 -5.22 17.62
N ILE B 1803 9.71 -3.90 17.49
CA ILE B 1803 8.81 -2.99 18.18
C ILE B 1803 7.38 -3.14 17.66
N THR B 1804 7.22 -3.25 16.34
CA THR B 1804 5.89 -3.38 15.76
C THR B 1804 5.31 -4.77 15.94
N ASP B 1805 6.12 -5.76 16.32
CA ASP B 1805 5.66 -7.13 16.48
C ASP B 1805 5.03 -7.65 15.19
N GLY B 1806 5.62 -7.28 14.06
CA GLY B 1806 5.14 -7.72 12.77
C GLY B 1806 3.98 -6.94 12.20
N ALA B 1807 3.51 -5.91 12.88
CA ALA B 1807 2.39 -5.11 12.39
C ALA B 1807 2.80 -4.32 11.15
N SER B 1809 0.63 -2.65 9.20
CA SER B 1809 -0.12 -1.41 9.17
C SER B 1809 0.74 -0.27 9.70
N ARG B 1810 1.37 -0.49 10.85
CA ARG B 1810 2.25 0.52 11.42
C ARG B 1810 3.55 0.65 10.63
N ARG B 1811 3.95 -0.42 9.92
CA ARG B 1811 5.23 -0.41 9.22
C ARG B 1811 5.26 0.68 8.14
N ASN B 1812 4.22 0.74 7.32
CA ASN B 1812 4.19 1.71 6.23
C ASN B 1812 4.22 3.13 6.77
N GLN B 1813 3.38 3.41 7.78
CA GLN B 1813 3.33 4.76 8.35
C GLN B 1813 4.66 5.13 8.97
N LEU B 1814 5.27 4.21 9.71
CA LEU B 1814 6.56 4.49 10.34
C LEU B 1814 7.63 4.75 9.29
N LEU B 1815 7.66 3.96 8.22
CA LEU B 1815 8.67 4.15 7.18
C LEU B 1815 8.50 5.48 6.48
N VAL B 1816 7.25 5.86 6.17
CA VAL B 1816 7.05 7.15 5.50
C VAL B 1816 7.41 8.29 6.45
N ASP B 1817 7.11 8.14 7.74
CA ASP B 1817 7.49 9.16 8.71
C ASP B 1817 9.00 9.32 8.77
N LEU B 1818 9.73 8.21 8.81
CA LEU B 1818 11.19 8.28 8.84
C LEU B 1818 11.72 8.91 7.56
N GLY B 1819 11.16 8.55 6.41
CA GLY B 1819 11.60 9.16 5.16
C GLY B 1819 11.36 10.66 5.14
N SER B 1820 10.18 11.09 5.60
CA SER B 1820 9.89 12.51 5.63
C SER B 1820 10.84 13.24 6.58
N GLU B 1821 11.11 12.66 7.75
CA GLU B 1821 12.02 13.30 8.69
C GLU B 1821 13.43 13.41 8.12
N LEU B 1822 13.89 12.36 7.45
CA LEU B 1822 15.21 12.36 6.83
C LEU B 1822 15.20 12.90 5.41
N ASN B 1823 14.03 13.24 4.86
CA ASN B 1823 13.92 13.77 3.50
C ASN B 1823 14.58 12.82 2.51
N LEU B 1824 14.35 11.53 2.70
CA LEU B 1824 14.99 10.49 1.90
C LEU B 1824 13.92 9.47 1.48
N GLY B 1825 14.23 8.73 0.42
CA GLY B 1825 13.29 7.76 -0.12
C GLY B 1825 13.35 6.42 0.57
N ALA B 1826 13.57 5.35 -0.20
CA ALA B 1826 13.59 4.00 0.35
C ALA B 1826 14.85 3.77 1.16
N ILE B 1827 14.70 3.19 2.34
CA ILE B 1827 15.81 2.82 3.20
C ILE B 1827 15.91 1.30 3.18
N ASP B 1828 16.87 0.78 2.42
CA ASP B 1828 17.02 -0.66 2.29
C ASP B 1828 17.34 -1.29 3.64
N GLY B 1829 16.62 -2.35 3.98
CA GLY B 1829 16.87 -3.09 5.20
C GLY B 1829 16.40 -2.39 6.47
N ALA B 1830 15.66 -1.29 6.35
CA ALA B 1830 15.22 -0.57 7.55
C ALA B 1830 14.35 -1.44 8.42
N ALA B 1831 13.47 -2.23 7.82
CA ALA B 1831 12.56 -3.07 8.61
C ALA B 1831 13.35 -4.09 9.43
N GLU B 1832 14.37 -4.70 8.84
CA GLU B 1832 15.12 -5.75 9.50
C GLU B 1832 16.34 -5.23 10.25
N SER B 1833 16.89 -4.09 9.86
CA SER B 1833 18.08 -3.56 10.51
C SER B 1833 17.78 -3.21 11.96
N ASP B 1834 18.73 -3.51 12.84
CA ASP B 1834 18.57 -3.21 14.26
C ASP B 1834 18.68 -1.70 14.48
N LEU B 1835 18.51 -1.29 15.74
CA LEU B 1835 18.57 0.13 16.06
C LEU B 1835 19.97 0.68 15.81
N ALA B 1836 21.01 -0.11 16.10
CA ALA B 1836 22.37 0.34 15.82
C ALA B 1836 22.58 0.58 14.33
N GLY B 1837 22.23 -0.42 13.52
CA GLY B 1837 22.37 -0.26 12.08
C GLY B 1837 21.48 0.84 11.53
N LEU B 1838 20.26 0.95 12.06
CA LEU B 1838 19.37 2.02 11.62
C LEU B 1838 19.97 3.38 11.91
N ARG B 1839 20.50 3.57 13.12
CA ARG B 1839 21.13 4.83 13.47
C ARG B 1839 22.32 5.12 12.58
N SER B 1840 23.16 4.11 12.35
CA SER B 1840 24.34 4.32 11.51
C SER B 1840 23.94 4.73 10.10
N GLN B 1841 22.96 4.03 9.52
CA GLN B 1841 22.59 4.31 8.13
C GLN B 1841 21.88 5.64 8.00
N VAL B 1842 21.04 6.01 8.97
CA VAL B 1842 20.37 7.30 8.89
C VAL B 1842 21.38 8.44 9.06
N THR B 1843 22.35 8.26 9.96
CA THR B 1843 23.39 9.27 10.10
C THR B 1843 24.21 9.40 8.83
N LYS B 1844 24.57 8.28 8.21
CA LYS B 1844 25.36 8.32 6.98
C LYS B 1844 24.56 8.99 5.86
N LEU B 1845 23.27 8.67 5.75
CA LEU B 1845 22.46 9.20 4.66
C LEU B 1845 22.00 10.62 4.96
N ALA B 1846 21.37 10.83 6.12
CA ALA B 1846 20.83 12.14 6.48
C ALA B 1846 21.91 13.00 7.14
N ARG B 1847 22.95 13.30 6.34
CA ARG B 1847 24.02 14.15 6.82
C ARG B 1847 23.55 15.59 7.01
N THR B 1848 22.63 16.05 6.18
CA THR B 1848 22.10 17.41 6.23
C THR B 1848 20.76 17.49 6.94
N TYR B 1849 20.56 16.67 7.97
CA TYR B 1849 19.28 16.66 8.68
C TYR B 1849 18.99 18.03 9.28
N LYS B 1850 17.73 18.48 9.13
CA LYS B 1850 17.27 19.74 9.69
C LYS B 1850 16.76 19.53 11.11
N PRO B 1851 17.07 20.45 12.05
CA PRO B 1851 16.73 20.20 13.46
C PRO B 1851 15.40 19.53 13.73
N TYR B 1852 14.30 20.10 13.22
CA TYR B 1852 12.95 19.57 13.51
C TYR B 1852 12.19 19.48 12.19
N GLY B 1853 12.05 18.25 11.67
CA GLY B 1853 11.30 18.03 10.47
C GLY B 1853 9.81 18.06 10.72
N PRO B 1854 9.04 17.85 9.65
CA PRO B 1854 7.58 17.98 9.75
C PRO B 1854 6.96 17.06 10.80
N VAL B 1855 7.24 15.76 10.69
CA VAL B 1855 6.59 14.79 11.59
C VAL B 1855 6.97 15.09 13.03
N LEU B 1856 8.28 15.21 13.30
CA LEU B 1856 8.73 15.49 14.66
C LEU B 1856 8.26 16.86 15.12
N SER B 1857 8.26 17.85 14.21
CA SER B 1857 7.80 19.18 14.59
C SER B 1857 6.36 19.14 15.09
N ASP B 1858 5.47 18.54 14.31
CA ASP B 1858 4.07 18.49 14.73
C ASP B 1858 3.91 17.66 16.00
N ALA B 1859 4.61 16.53 16.10
CA ALA B 1859 4.48 15.71 17.30
C ALA B 1859 4.89 16.51 18.54
N ILE B 1860 6.07 17.11 18.51
CA ILE B 1860 6.58 17.81 19.69
C ILE B 1860 5.70 19.01 20.02
N ASN B 1861 5.33 19.80 19.01
CA ASN B 1861 4.57 21.02 19.32
C ASN B 1861 3.17 20.68 19.82
N ASP B 1862 2.52 19.68 19.22
CA ASP B 1862 1.19 19.29 19.68
C ASP B 1862 1.25 18.75 21.10
N GLN B 1863 2.24 17.91 21.41
CA GLN B 1863 2.36 17.42 22.78
C GLN B 1863 2.64 18.58 23.74
N LEU B 1864 3.43 19.56 23.30
CA LEU B 1864 3.69 20.72 24.15
C LEU B 1864 2.40 21.48 24.43
N ARG B 1865 1.55 21.67 23.42
CA ARG B 1865 0.26 22.30 23.67
C ARG B 1865 -0.55 21.49 24.68
N THR B 1866 -0.67 20.18 24.44
CA THR B 1866 -1.54 19.35 25.26
C THR B 1866 -1.02 19.16 26.68
N VAL B 1867 0.26 19.45 26.92
CA VAL B 1867 0.84 19.32 28.26
C VAL B 1867 1.08 20.66 28.93
N LEU B 1868 1.01 21.77 28.20
CA LEU B 1868 1.24 23.09 28.76
C LEU B 1868 0.05 24.03 28.57
N GLY B 1869 -1.12 23.50 28.18
CA GLY B 1869 -2.29 24.33 28.00
C GLY B 1869 -2.55 25.24 29.17
N PRO B 1870 -2.89 24.68 30.32
CA PRO B 1870 -3.13 25.53 31.51
C PRO B 1870 -1.93 26.37 31.88
N SER B 1871 -0.72 25.83 31.75
CA SER B 1871 0.48 26.59 32.10
C SER B 1871 0.72 27.73 31.13
N GLY B 1872 0.58 27.47 29.83
CA GLY B 1872 0.78 28.50 28.84
C GLY B 1872 2.22 28.80 28.50
N LYS B 1873 3.13 27.88 28.80
CA LYS B 1873 4.55 28.07 28.50
C LYS B 1873 4.86 27.63 27.08
N ARG B 1874 5.80 28.32 26.45
CA ARG B 1874 6.18 28.09 25.07
C ARG B 1874 7.47 27.29 24.99
N PRO B 1875 7.76 26.67 23.84
CA PRO B 1875 8.99 25.86 23.74
C PRO B 1875 10.25 26.65 24.05
N GLY B 1876 10.30 27.92 23.63
CA GLY B 1876 11.50 28.71 23.88
C GLY B 1876 11.85 28.77 25.36
N ALA B 1877 10.85 28.97 26.21
CA ALA B 1877 11.10 28.96 27.65
C ALA B 1877 11.86 27.71 28.06
N ILE B 1878 11.45 26.55 27.56
CA ILE B 1878 12.15 25.32 27.88
C ILE B 1878 13.61 25.44 27.48
N ALA B 1879 13.86 25.86 26.24
CA ALA B 1879 15.23 26.03 25.78
C ALA B 1879 15.98 27.01 26.69
N GLU B 1880 15.29 28.05 27.18
CA GLU B 1880 15.95 29.01 28.04
C GLU B 1880 16.52 28.33 29.27
N ARG B 1881 15.77 27.39 29.86
CA ARG B 1881 16.27 26.70 31.04
C ARG B 1881 17.53 25.92 30.73
N VAL B 1882 17.69 25.45 29.50
CA VAL B 1882 18.90 24.74 29.13
C VAL B 1882 20.02 25.69 28.76
N LYS B 1883 19.72 26.97 28.55
CA LYS B 1883 20.74 27.95 28.17
C LYS B 1883 21.22 28.77 29.37
N LYS B 1884 20.30 29.27 30.19
CA LYS B 1884 20.64 30.11 31.32
C LYS B 1884 20.64 29.34 32.65
N THR B 1885 19.53 28.66 32.96
CA THR B 1885 19.46 27.94 34.23
C THR B 1885 20.50 26.83 34.28
N TRP B 1886 20.68 26.11 33.17
CA TRP B 1886 21.61 24.99 33.13
C TRP B 1886 22.91 25.29 32.41
N GLU B 1887 23.01 26.41 31.69
CA GLU B 1887 24.24 26.83 31.01
C GLU B 1887 24.71 25.75 30.03
N LEU B 1888 23.88 25.54 29.01
CA LEU B 1888 24.15 24.54 27.99
C LEU B 1888 23.76 25.08 26.62
N GLY B 1889 24.23 24.40 25.57
CA GLY B 1889 24.01 24.82 24.21
C GLY B 1889 22.62 24.48 23.70
N GLU B 1890 22.38 24.86 22.45
CA GLU B 1890 21.05 24.67 21.87
C GLU B 1890 20.72 23.21 21.63
N GLY B 1891 21.73 22.39 21.32
CA GLY B 1891 21.48 20.97 21.13
C GLY B 1891 20.90 20.31 22.37
N TRP B 1892 21.46 20.66 23.54
CA TRP B 1892 20.90 20.15 24.78
C TRP B 1892 19.47 20.66 24.98
N ALA B 1893 19.20 21.91 24.58
CA ALA B 1893 17.85 22.43 24.69
C ALA B 1893 16.88 21.61 23.84
N LYS B 1894 17.26 21.30 22.61
CA LYS B 1894 16.41 20.49 21.73
C LYS B 1894 16.20 19.10 22.31
N HIS B 1895 17.27 18.48 22.83
CA HIS B 1895 17.14 17.17 23.44
C HIS B 1895 16.22 17.21 24.65
N VAL B 1896 16.32 18.26 25.46
CA VAL B 1896 15.48 18.38 26.64
C VAL B 1896 14.03 18.58 26.26
N THR B 1897 13.77 19.38 25.23
CA THR B 1897 12.39 19.54 24.76
C THR B 1897 11.84 18.23 24.24
N VAL B 1898 12.66 17.46 23.51
CA VAL B 1898 12.22 16.17 23.02
C VAL B 1898 11.89 15.23 24.18
N GLU B 1899 12.76 15.21 25.20
CA GLU B 1899 12.51 14.35 26.35
C GLU B 1899 11.24 14.76 27.08
N VAL B 1900 11.02 16.06 27.23
CA VAL B 1900 9.80 16.54 27.89
C VAL B 1900 8.58 16.10 27.10
N ALA B 1901 8.62 16.24 25.77
CA ALA B 1901 7.49 15.84 24.95
C ALA B 1901 7.24 14.34 25.06
N LEU B 1902 8.30 13.54 25.06
CA LEU B 1902 8.14 12.09 25.08
C LEU B 1902 7.62 11.60 26.43
N GLY B 1903 8.22 12.09 27.52
CA GLY B 1903 7.90 11.58 28.84
C GLY B 1903 6.67 12.16 29.49
N THR B 1904 6.12 13.24 28.94
CA THR B 1904 4.94 13.90 29.52
C THR B 1904 3.65 13.47 28.84
N ARG B 1905 3.70 12.48 27.95
CA ARG B 1905 2.51 12.01 27.27
C ARG B 1905 1.70 11.10 28.20
N GLU B 1906 0.46 10.85 27.80
CA GLU B 1906 -0.46 10.00 28.53
C GLU B 1906 -0.67 8.68 27.79
N GLY B 1907 -0.99 7.63 28.55
CA GLY B 1907 -1.25 6.32 28.02
C GLY B 1907 -0.51 5.26 28.81
N SER B 1908 -0.34 4.10 28.19
CA SER B 1908 0.37 2.98 28.79
C SER B 1908 1.32 2.37 27.78
N SER B 1909 2.44 1.86 28.27
CA SER B 1909 3.42 1.23 27.40
C SER B 1909 2.89 -0.12 26.90
N VAL B 1910 3.53 -0.61 25.83
CA VAL B 1910 3.10 -1.86 25.22
C VAL B 1910 3.25 -3.02 26.20
N ARG B 1911 4.35 -3.06 26.93
CA ARG B 1911 4.68 -4.17 27.82
C ARG B 1911 4.64 -3.74 29.29
N GLY B 1912 3.66 -2.92 29.65
CA GLY B 1912 3.43 -2.58 31.04
C GLY B 1912 4.31 -1.50 31.60
N GLY B 1913 5.21 -0.94 30.82
CA GLY B 1913 6.07 0.12 31.32
C GLY B 1913 5.32 1.42 31.53
N ALA B 1914 5.98 2.35 32.21
CA ALA B 1914 5.38 3.66 32.45
C ALA B 1914 5.41 4.48 31.17
N MET B 1915 4.23 4.82 30.66
CA MET B 1915 4.16 5.57 29.41
C MET B 1915 4.82 6.94 29.55
N GLY B 1916 4.55 7.63 30.66
CA GLY B 1916 5.17 8.90 30.94
C GLY B 1916 5.92 8.88 32.25
N HIS B 1917 7.22 9.18 32.20
CA HIS B 1917 8.07 9.11 33.39
C HIS B 1917 8.33 10.46 34.05
N LEU B 1918 8.33 11.55 33.29
CA LEU B 1918 8.63 12.86 33.88
C LEU B 1918 7.45 13.41 34.66
N HIS B 1919 6.24 13.33 34.08
CA HIS B 1919 5.07 13.95 34.68
C HIS B 1919 3.83 13.17 34.31
N GLU B 1920 2.76 13.41 35.08
CA GLU B 1920 1.45 12.82 34.82
C GLU B 1920 0.44 13.95 34.69
N GLY B 1921 -0.25 13.99 33.55
CA GLY B 1921 -1.23 15.02 33.28
C GLY B 1921 -0.60 16.27 32.70
N ALA B 1922 -1.48 17.17 32.25
CA ALA B 1922 -1.02 18.42 31.66
C ALA B 1922 -0.50 19.37 32.74
N LEU B 1923 0.65 19.98 32.47
CA LEU B 1923 1.24 20.92 33.42
C LEU B 1923 0.35 22.14 33.57
N ALA B 1924 0.33 22.71 34.79
CA ALA B 1924 -0.55 23.84 35.09
C ALA B 1924 0.14 24.90 35.94
N ASP B 1925 1.46 24.82 36.14
CA ASP B 1925 2.15 25.83 36.93
C ASP B 1925 3.61 25.91 36.48
N ALA B 1926 4.23 27.05 36.77
CA ALA B 1926 5.63 27.24 36.40
C ALA B 1926 6.54 26.25 37.11
N ALA B 1927 6.25 25.97 38.38
CA ALA B 1927 7.09 25.05 39.15
C ALA B 1927 7.07 23.66 38.51
N SER B 1928 5.88 23.19 38.10
CA SER B 1928 5.77 21.85 37.53
C SER B 1928 6.57 21.74 36.24
N VAL B 1929 6.42 22.71 35.34
CA VAL B 1929 7.15 22.67 34.08
C VAL B 1929 8.65 22.79 34.33
N ASP B 1930 9.06 23.65 35.26
CA ASP B 1930 10.47 23.80 35.55
C ASP B 1930 11.07 22.51 36.09
N LYS B 1931 10.36 21.84 37.01
CA LYS B 1931 10.89 20.60 37.58
C LYS B 1931 10.88 19.49 36.54
N VAL B 1932 9.88 19.47 35.66
CA VAL B 1932 9.87 18.49 34.58
C VAL B 1932 11.06 18.70 33.66
N ILE B 1933 11.37 19.95 33.34
CA ILE B 1933 12.51 20.26 32.49
C ILE B 1933 13.81 19.86 33.19
N ASP B 1934 13.89 20.09 34.49
CA ASP B 1934 15.08 19.68 35.23
C ASP B 1934 15.25 18.16 35.20
N ALA B 1935 14.16 17.43 35.40
CA ALA B 1935 14.24 15.96 35.33
C ALA B 1935 14.61 15.51 33.94
N ALA B 1936 14.10 16.19 32.91
CA ALA B 1936 14.47 15.86 31.54
C ALA B 1936 15.96 16.08 31.30
N VAL B 1937 16.49 17.19 31.80
CA VAL B 1937 17.93 17.45 31.66
C VAL B 1937 18.72 16.36 32.36
N ALA B 1938 18.31 16.00 33.58
CA ALA B 1938 19.03 14.96 34.33
C ALA B 1938 19.00 13.63 33.59
N SER B 1939 17.84 13.25 33.07
CA SER B 1939 17.73 11.98 32.35
C SER B 1939 18.56 12.01 31.07
N VAL B 1940 18.52 13.12 30.33
CA VAL B 1940 19.30 13.24 29.11
C VAL B 1940 20.77 13.10 29.41
N ALA B 1941 21.24 13.77 30.48
CA ALA B 1941 22.64 13.63 30.86
C ALA B 1941 22.97 12.20 31.26
N ALA B 1942 22.06 11.55 31.99
CA ALA B 1942 22.32 10.18 32.43
C ALA B 1942 22.46 9.24 31.24
N ARG B 1943 21.56 9.36 30.26
CA ARG B 1943 21.63 8.46 29.10
C ARG B 1943 22.85 8.78 28.22
N GLN B 1944 23.29 10.04 28.21
CA GLN B 1944 24.48 10.44 27.48
C GLN B 1944 25.74 10.46 28.36
N GLY B 1945 25.62 10.04 29.62
CA GLY B 1945 26.78 9.98 30.48
C GLY B 1945 27.29 11.31 30.98
N VAL B 1946 26.48 12.35 30.95
CA VAL B 1946 26.89 13.66 31.40
C VAL B 1946 26.41 13.90 32.83
#